data_4XNU
#
_entry.id   4XNU
#
_cell.length_a   96.901
_cell.length_b   133.667
_cell.length_c   161.682
_cell.angle_alpha   90.000
_cell.angle_beta   90.000
_cell.angle_gamma   90.000
#
_symmetry.space_group_name_H-M   'P 21 21 21'
#
loop_
_entity.id
_entity.type
_entity.pdbx_description
1 polymer 'Integral membrane protein-dopamine transporter'
2 polymer 'antibody fragment light chain'
3 polymer 'antibody fragment heavy chain'
4 non-polymer 'SODIUM ION'
5 non-polymer 'CHLORIDE ION'
6 non-polymer CHOLESTEROL
7 non-polymer nisoxetine
8 water water
#
loop_
_entity_poly.entity_id
_entity_poly.type
_entity_poly.pdbx_seq_one_letter_code
_entity_poly.pdbx_strand_id
1 'polypeptide(L)'
;DERETWSGKVDFLLSVIGFAVDLANVWRFPYLCYKNGGGAFLVPYGIMLAVGGIPLFYMELALGQHNRKGAITCWGRLVP
LFKGIGYAVVLIAFYVDFYYNVIIAWSLRFFFASFTNSLPWTSCNNIWNTPNCRPFESQGFQSAASEYFNRYILELNRSE
GIHDLGAIKWDMALCLLIVYLICYFSLWKGISTSGKVVWFTALFPYAALLILLIRGLTLPGSFLGIQYYLTPNFSAIYKA
EVWADAATQVFFSLGPGFGVLLAYASYNKYHNNVYKDALLTSFINSATSFIAGFVIFSVLGYMAHTLGVRIEDVATEGPG
LVFVVYPAAIATMPASTFWALIFFMMLATLGLDSSFGGSEAIITALSDEFPKIKRNRELFVAGLFSLYFVVGLASCTQGG
FYFFHLLDRYAAGYSILVAVFFEAIAVSWIYGTNRFSEDIRDMIGFPPGRYWQVCWRFVAPIFLLFITVYLLIGYEPLTY
ADYVYPSWANALGWCIAGSSVVMIPAVAIFKLLSTPGSLRQRFTILTTPWRD
;
A
2 'polypeptide(L)'
;ENVLTQSPAIMSTSPGEKVTMTCRASSSVGSSYLHWYQQKSGASPKLWIYSTSNLASGVPARFSGSGSGTSYSLTISSVE
AEDAATYYCQQFSGYPLTFGSGTKLEMKRADAAPTVSIFPPSSEQLTSGGASVVCFLNNFYPKDINVKWKIDGSERQNGV
LNSWTDQDSKDSTYSMSSTLTLTKDEYERHNSYTCEATHKTSTSPIVKSFNRNE
;
L
3 'polypeptide(L)'
;MNFGLRLVFLVLILKGVQCEVQLVESGGGLVKPGGSLKLSCAASGFTFSSYAMSWVRQSPEKRLEWVAEISSGGRYIYYS
DTVTGRFTISRDNARNILHLEMSSLRSEDTAMYYCARGEVRQRGFDYWGQGTTLTVSSAKTTAPSVYPLAPVCGDTTGSS
VTLGCLVKGYFPEPVTLTWNSGSLSSGVHTFPAVLQSDLYTLSSSVTVTSSTWPSQSITCNVAHPASSTKVDKKIEPRGP
;
H
#
# COMPACT_ATOMS: atom_id res chain seq x y z
N ASP A 1 -22.45 6.72 -0.63
CA ASP A 1 -21.53 6.56 0.49
C ASP A 1 -20.14 7.15 0.29
N GLU A 2 -20.00 8.23 -0.47
CA GLU A 2 -18.68 8.83 -0.44
C GLU A 2 -18.78 10.14 0.32
N ARG A 3 -18.20 10.10 1.51
CA ARG A 3 -18.24 11.16 2.49
C ARG A 3 -17.25 12.29 2.24
N GLU A 4 -17.23 13.23 3.16
CA GLU A 4 -16.28 14.34 3.16
C GLU A 4 -14.86 13.80 3.30
N THR A 5 -13.87 14.65 3.05
CA THR A 5 -12.48 14.27 3.25
C THR A 5 -11.67 15.47 3.72
N TRP A 6 -10.46 15.20 4.21
CA TRP A 6 -9.58 16.25 4.72
C TRP A 6 -9.22 17.25 3.62
N SER A 7 -9.28 18.53 3.96
CA SER A 7 -8.95 19.59 3.01
C SER A 7 -7.45 19.83 2.97
N GLY A 8 -6.69 18.76 3.18
CA GLY A 8 -5.24 18.83 3.23
C GLY A 8 -4.67 17.72 4.09
N LYS A 9 -3.59 17.13 3.61
CA LYS A 9 -2.93 16.04 4.32
C LYS A 9 -2.48 16.45 5.73
N VAL A 10 -1.92 17.65 5.83
CA VAL A 10 -1.42 18.17 7.10
C VAL A 10 -2.53 18.29 8.14
N ASP A 11 -3.74 18.64 7.68
CA ASP A 11 -4.89 18.77 8.57
C ASP A 11 -5.15 17.48 9.34
N PHE A 12 -5.02 16.36 8.64
CA PHE A 12 -5.20 15.05 9.26
C PHE A 12 -4.04 14.74 10.21
N LEU A 13 -2.82 14.99 9.75
CA LEU A 13 -1.64 14.70 10.53
C LEU A 13 -1.64 15.48 11.84
N LEU A 14 -1.88 16.78 11.76
CA LEU A 14 -1.91 17.63 12.95
C LEU A 14 -3.08 17.27 13.86
N SER A 15 -4.14 16.70 13.28
CA SER A 15 -5.26 16.22 14.07
C SER A 15 -4.85 14.99 14.88
N VAL A 16 -4.14 14.08 14.24
CA VAL A 16 -3.65 12.89 14.93
C VAL A 16 -2.55 13.27 15.92
N ILE A 17 -1.61 14.10 15.47
CA ILE A 17 -0.56 14.62 16.34
C ILE A 17 -1.16 15.34 17.54
N GLY A 18 -2.10 16.23 17.25
CA GLY A 18 -2.77 17.00 18.28
C GLY A 18 -3.45 16.11 19.31
N PHE A 19 -4.14 15.08 18.83
CA PHE A 19 -4.80 14.13 19.73
C PHE A 19 -3.80 13.31 20.53
N ALA A 20 -2.79 12.79 19.84
CA ALA A 20 -1.84 11.86 20.45
C ALA A 20 -1.01 12.52 21.56
N VAL A 21 -0.56 13.75 21.34
CA VAL A 21 0.26 14.41 22.36
C VAL A 21 -0.61 15.29 23.25
N ASP A 22 -0.40 15.18 24.55
CA ASP A 22 -1.15 15.99 25.51
C ASP A 22 -0.33 16.13 26.77
N LEU A 23 -1.01 16.37 27.89
CA LEU A 23 -0.33 16.58 29.15
C LEU A 23 0.45 15.35 29.60
N ALA A 24 -0.02 14.17 29.22
CA ALA A 24 0.65 12.92 29.60
C ALA A 24 2.10 12.86 29.12
N ASN A 25 2.38 13.42 27.96
CA ASN A 25 3.75 13.47 27.51
C ASN A 25 4.54 14.31 28.45
N VAL A 26 3.98 15.44 28.82
CA VAL A 26 4.60 16.30 29.80
C VAL A 26 4.65 15.80 31.22
N TRP A 27 3.53 15.29 31.74
CA TRP A 27 3.46 15.02 33.16
C TRP A 27 3.56 13.60 33.62
N ARG A 28 3.45 12.66 32.70
CA ARG A 28 3.85 11.28 32.98
C ARG A 28 5.16 10.75 32.41
N PHE A 29 5.50 11.04 31.16
CA PHE A 29 6.64 10.39 30.55
C PHE A 29 7.97 10.70 31.19
N PRO A 30 8.25 11.94 31.47
CA PRO A 30 9.56 12.20 32.08
C PRO A 30 9.68 11.64 33.50
N TYR A 31 8.60 11.62 34.27
CA TYR A 31 8.63 11.08 35.62
C TYR A 31 9.00 9.60 35.62
N LEU A 32 8.51 8.85 34.63
CA LEU A 32 8.82 7.42 34.48
C LEU A 32 10.28 7.16 34.21
N CYS A 33 10.85 7.99 33.36
CA CYS A 33 12.26 7.89 33.03
C CYS A 33 12.99 8.05 34.35
N TYR A 34 12.67 9.12 35.06
CA TYR A 34 13.27 9.41 36.35
C TYR A 34 13.12 8.26 37.35
N LYS A 35 11.91 7.73 37.45
CA LYS A 35 11.62 6.68 38.42
C LYS A 35 12.27 5.35 38.05
N ASN A 36 12.23 5.01 36.77
CA ASN A 36 12.63 3.68 36.32
C ASN A 36 13.97 3.63 35.59
N GLY A 37 14.99 4.28 36.15
CA GLY A 37 16.34 4.13 35.67
C GLY A 37 16.79 5.06 34.55
N GLY A 38 16.16 6.22 34.45
CA GLY A 38 16.58 7.22 33.49
C GLY A 38 16.55 6.74 32.05
N GLY A 39 17.68 6.88 31.36
CA GLY A 39 17.79 6.48 29.97
C GLY A 39 17.54 5.01 29.75
N ALA A 40 17.77 4.22 30.79
CA ALA A 40 17.58 2.77 30.72
C ALA A 40 16.11 2.42 30.54
N PHE A 41 15.22 3.32 30.94
CA PHE A 41 13.79 3.10 30.81
C PHE A 41 13.34 3.18 29.34
N LEU A 42 14.17 3.79 28.51
CA LEU A 42 13.85 3.92 27.09
C LEU A 42 13.85 2.56 26.39
N VAL A 43 14.52 1.57 26.98
CA VAL A 43 14.57 0.24 26.40
C VAL A 43 13.24 -0.50 26.57
N PRO A 44 12.72 -0.61 27.82
CA PRO A 44 11.40 -1.23 27.87
C PRO A 44 10.33 -0.35 27.23
N TYR A 45 10.51 0.97 27.30
CA TYR A 45 9.57 1.89 26.66
C TYR A 45 9.60 1.74 25.15
N GLY A 46 10.79 1.63 24.60
CA GLY A 46 10.96 1.50 23.15
C GLY A 46 10.47 0.17 22.62
N ILE A 47 10.76 -0.92 23.34
CA ILE A 47 10.34 -2.25 22.92
C ILE A 47 8.81 -2.36 22.99
N MET A 48 8.23 -1.91 24.10
CA MET A 48 6.77 -1.92 24.26
C MET A 48 6.13 -0.99 23.23
N LEU A 49 6.87 0.02 22.80
CA LEU A 49 6.39 0.92 21.76
C LEU A 49 6.40 0.23 20.41
N ALA A 50 7.43 -0.57 20.16
CA ALA A 50 7.61 -1.20 18.86
C ALA A 50 6.68 -2.40 18.64
N VAL A 51 6.42 -3.15 19.70
CA VAL A 51 5.65 -4.38 19.59
C VAL A 51 4.23 -4.26 20.17
N GLY A 52 3.96 -3.16 20.86
CA GLY A 52 2.68 -2.98 21.51
C GLY A 52 1.87 -1.81 21.00
N GLY A 53 2.36 -0.60 21.23
CA GLY A 53 1.61 0.60 20.90
C GLY A 53 1.47 0.88 19.42
N ILE A 54 2.60 0.95 18.72
CA ILE A 54 2.60 1.27 17.29
C ILE A 54 1.84 0.26 16.42
N PRO A 55 1.93 -1.06 16.71
CA PRO A 55 1.06 -1.96 15.96
C PRO A 55 -0.42 -1.65 16.15
N LEU A 56 -0.85 -1.41 17.39
CA LEU A 56 -2.23 -1.08 17.67
C LEU A 56 -2.61 0.29 17.10
N PHE A 57 -1.64 1.19 17.09
CA PHE A 57 -1.82 2.53 16.54
C PHE A 57 -2.05 2.45 15.05
N TYR A 58 -1.18 1.70 14.38
CA TYR A 58 -1.26 1.46 12.93
C TYR A 58 -2.56 0.77 12.57
N MET A 59 -2.95 -0.22 13.37
CA MET A 59 -4.16 -1.00 13.11
C MET A 59 -5.42 -0.14 13.00
N GLU A 60 -5.64 0.71 13.99
CA GLU A 60 -6.85 1.51 14.04
C GLU A 60 -6.90 2.52 12.89
N LEU A 61 -5.75 3.11 12.57
CA LEU A 61 -5.66 4.06 11.48
C LEU A 61 -6.00 3.39 10.14
N ALA A 62 -5.51 2.18 9.94
CA ALA A 62 -5.84 1.40 8.75
C ALA A 62 -7.33 1.06 8.73
N LEU A 63 -7.85 0.66 9.88
CA LEU A 63 -9.26 0.30 10.00
C LEU A 63 -10.15 1.50 9.68
N GLY A 64 -9.73 2.68 10.09
CA GLY A 64 -10.48 3.90 9.85
C GLY A 64 -10.54 4.25 8.37
N GLN A 65 -9.39 4.33 7.74
CA GLN A 65 -9.28 4.71 6.34
C GLN A 65 -9.99 3.72 5.41
N HIS A 66 -9.95 2.45 5.79
CA HIS A 66 -10.48 1.38 4.93
C HIS A 66 -12.01 1.32 4.95
N ASN A 67 -12.57 1.18 6.14
CA ASN A 67 -14.02 1.02 6.28
C ASN A 67 -14.76 2.35 6.16
N ARG A 68 -14.04 3.44 6.39
CA ARG A 68 -14.54 4.80 6.16
C ARG A 68 -15.78 5.14 6.97
N LYS A 69 -15.94 4.49 8.12
CA LYS A 69 -17.07 4.77 9.00
C LYS A 69 -16.57 4.99 10.43
N GLY A 70 -17.43 5.54 11.29
CA GLY A 70 -17.10 5.78 12.67
C GLY A 70 -17.01 4.49 13.48
N ALA A 71 -16.70 4.63 14.77
CA ALA A 71 -16.44 3.48 15.64
C ALA A 71 -17.57 2.45 15.64
N ILE A 72 -18.80 2.91 15.88
CA ILE A 72 -19.94 2.02 15.97
C ILE A 72 -20.19 1.27 14.66
N THR A 73 -20.25 2.01 13.56
CA THR A 73 -20.51 1.41 12.25
C THR A 73 -19.36 0.54 11.77
N CYS A 74 -18.13 1.01 11.95
CA CYS A 74 -16.95 0.31 11.45
C CYS A 74 -16.79 -1.07 12.08
N TRP A 75 -17.01 -1.16 13.38
CA TRP A 75 -16.87 -2.42 14.09
C TRP A 75 -18.04 -3.35 13.80
N GLY A 76 -19.21 -2.76 13.57
CA GLY A 76 -20.38 -3.53 13.19
C GLY A 76 -20.19 -4.13 11.82
N ARG A 77 -19.54 -3.38 10.93
CA ARG A 77 -19.26 -3.84 9.58
C ARG A 77 -18.09 -4.81 9.55
N LEU A 78 -17.20 -4.67 10.52
CA LEU A 78 -16.06 -5.56 10.66
C LEU A 78 -16.51 -6.89 11.21
N VAL A 79 -17.07 -6.86 12.41
CA VAL A 79 -17.67 -8.04 13.03
C VAL A 79 -19.01 -7.65 13.64
N PRO A 80 -20.11 -8.13 13.03
CA PRO A 80 -21.47 -7.84 13.53
C PRO A 80 -21.66 -8.28 14.98
N LEU A 81 -20.99 -9.36 15.37
CA LEU A 81 -21.09 -9.87 16.73
C LEU A 81 -20.49 -8.90 17.75
N PHE A 82 -19.36 -8.29 17.39
CA PHE A 82 -18.66 -7.40 18.29
C PHE A 82 -18.89 -5.93 17.95
N LYS A 83 -20.10 -5.58 17.55
CA LYS A 83 -20.44 -4.19 17.25
C LYS A 83 -20.45 -3.33 18.51
N GLY A 84 -20.67 -3.97 19.66
CA GLY A 84 -20.74 -3.26 20.92
C GLY A 84 -19.44 -2.60 21.31
N ILE A 85 -18.36 -3.04 20.69
CA ILE A 85 -17.07 -2.38 20.84
C ILE A 85 -17.20 -0.92 20.44
N GLY A 86 -17.90 -0.68 19.33
CA GLY A 86 -18.15 0.67 18.86
C GLY A 86 -18.87 1.50 19.91
N TYR A 87 -19.87 0.91 20.55
CA TYR A 87 -20.62 1.60 21.59
C TYR A 87 -19.78 1.74 22.86
N ALA A 88 -19.07 0.68 23.22
CA ALA A 88 -18.20 0.69 24.40
C ALA A 88 -17.16 1.79 24.27
N VAL A 89 -16.62 1.95 23.06
CA VAL A 89 -15.61 2.95 22.78
C VAL A 89 -16.19 4.37 22.84
N VAL A 90 -17.35 4.57 22.24
CA VAL A 90 -17.96 5.90 22.15
C VAL A 90 -18.32 6.49 23.51
N LEU A 91 -18.93 5.67 24.37
CA LEU A 91 -19.37 6.16 25.68
C LEU A 91 -18.18 6.31 26.64
N ILE A 92 -17.07 5.66 26.31
CA ILE A 92 -15.82 5.90 27.04
C ILE A 92 -15.33 7.30 26.72
N ALA A 93 -15.25 7.62 25.43
CA ALA A 93 -14.88 8.95 24.98
C ALA A 93 -15.84 9.98 25.54
N PHE A 94 -17.08 9.56 25.75
CA PHE A 94 -18.13 10.38 26.32
C PHE A 94 -17.87 10.66 27.80
N TYR A 95 -17.47 9.63 28.53
CA TYR A 95 -17.20 9.75 29.95
C TYR A 95 -16.01 10.65 30.25
N VAL A 96 -14.97 10.54 29.41
CA VAL A 96 -13.73 11.27 29.64
C VAL A 96 -13.91 12.78 29.46
N ASP A 97 -14.76 13.16 28.51
CA ASP A 97 -15.04 14.57 28.26
C ASP A 97 -15.65 15.27 29.48
N PHE A 98 -16.23 14.47 30.38
CA PHE A 98 -16.84 15.00 31.59
C PHE A 98 -15.79 15.51 32.58
N TYR A 99 -14.60 14.93 32.55
CA TYR A 99 -13.58 15.28 33.53
C TYR A 99 -12.29 15.80 32.91
N TYR A 100 -11.99 15.40 31.68
CA TYR A 100 -10.74 15.78 31.03
C TYR A 100 -10.67 17.29 30.79
N ASN A 101 -11.76 17.86 30.29
CA ASN A 101 -11.76 19.26 29.89
C ASN A 101 -11.53 20.25 31.03
N VAL A 102 -11.75 19.81 32.27
CA VAL A 102 -11.55 20.69 33.41
C VAL A 102 -10.06 20.92 33.65
N ILE A 103 -9.22 20.04 33.09
CA ILE A 103 -7.78 20.23 33.13
C ILE A 103 -7.41 21.42 32.26
N ILE A 104 -8.12 21.55 31.13
CA ILE A 104 -7.95 22.69 30.25
C ILE A 104 -8.52 23.94 30.91
N ALA A 105 -9.58 23.75 31.68
CA ALA A 105 -10.20 24.85 32.42
C ALA A 105 -9.23 25.39 33.45
N TRP A 106 -8.57 24.50 34.18
CA TRP A 106 -7.52 24.88 35.12
C TRP A 106 -6.37 25.60 34.43
N SER A 107 -6.08 25.21 33.20
CA SER A 107 -5.02 25.83 32.41
C SER A 107 -5.35 27.30 32.13
N LEU A 108 -6.58 27.55 31.67
CA LEU A 108 -7.01 28.90 31.35
C LEU A 108 -7.12 29.76 32.61
N ARG A 109 -7.48 29.13 33.72
CA ARG A 109 -7.62 29.84 34.99
C ARG A 109 -6.28 30.39 35.44
N PHE A 110 -5.24 29.57 35.31
CA PHE A 110 -3.88 30.01 35.60
C PHE A 110 -3.39 30.99 34.54
N PHE A 111 -3.90 30.85 33.32
CA PHE A 111 -3.53 31.74 32.23
C PHE A 111 -4.03 33.15 32.49
N PHE A 112 -5.24 33.25 33.06
CA PHE A 112 -5.82 34.55 33.40
C PHE A 112 -5.16 35.12 34.65
N ALA A 113 -4.81 34.24 35.58
CA ALA A 113 -4.18 34.65 36.84
C ALA A 113 -2.72 35.06 36.65
N SER A 114 -2.21 34.84 35.44
CA SER A 114 -0.83 35.18 35.13
C SER A 114 -0.70 36.57 34.51
N PHE A 115 -1.83 37.28 34.42
CA PHE A 115 -1.81 38.66 33.95
C PHE A 115 -1.53 39.61 35.09
N THR A 116 -0.33 39.48 35.67
CA THR A 116 0.07 40.29 36.81
C THR A 116 1.59 40.48 36.83
N ASN A 117 2.03 41.61 37.39
CA ASN A 117 3.45 41.86 37.60
C ASN A 117 4.04 40.84 38.57
N SER A 118 3.23 40.39 39.52
CA SER A 118 3.65 39.41 40.50
C SER A 118 2.72 38.20 40.51
N LEU A 119 3.28 37.02 40.25
CA LEU A 119 2.49 35.80 40.24
C LEU A 119 2.03 35.44 41.65
N PRO A 120 0.72 35.24 41.82
CA PRO A 120 0.07 35.12 43.14
C PRO A 120 0.45 33.88 43.94
N TRP A 121 1.12 32.91 43.33
CA TRP A 121 1.47 31.68 44.03
C TRP A 121 2.91 31.68 44.53
N THR A 122 3.46 32.87 44.73
CA THR A 122 4.86 33.00 45.12
C THR A 122 5.03 33.02 46.64
N SER A 123 4.15 33.75 47.31
CA SER A 123 4.31 34.03 48.73
C SER A 123 3.40 33.19 49.61
N CYS A 124 3.69 33.21 50.91
CA CYS A 124 2.91 32.47 51.89
C CYS A 124 2.16 33.39 52.84
N ASN A 125 2.14 34.68 52.51
CA ASN A 125 1.48 35.67 53.36
C ASN A 125 0.18 36.16 52.74
N ASN A 126 -0.50 35.27 52.02
CA ASN A 126 -1.78 35.60 51.41
C ASN A 126 -2.93 35.14 52.29
N ILE A 127 -4.15 35.48 51.88
CA ILE A 127 -5.34 35.21 52.68
C ILE A 127 -5.63 33.71 52.74
N TRP A 128 -5.16 32.98 51.74
CA TRP A 128 -5.47 31.56 51.60
C TRP A 128 -4.36 30.65 52.13
N ASN A 129 -3.46 31.22 52.94
CA ASN A 129 -2.31 30.46 53.41
C ASN A 129 -2.43 29.97 54.85
N THR A 130 -1.62 28.96 55.18
CA THR A 130 -1.62 28.34 56.48
C THR A 130 -0.20 28.39 57.06
N PRO A 131 -0.06 28.21 58.38
CA PRO A 131 1.28 28.17 58.99
C PRO A 131 2.17 27.07 58.42
N ASN A 132 1.56 26.08 57.77
CA ASN A 132 2.30 24.98 57.17
C ASN A 132 2.88 25.34 55.80
N CYS A 133 2.63 26.58 55.36
CA CYS A 133 3.12 27.01 54.05
C CYS A 133 4.59 27.38 54.07
N ARG A 134 5.32 26.87 53.09
CA ARG A 134 6.72 27.23 52.88
C ARG A 134 6.86 27.69 51.43
N PRO A 135 7.88 28.52 51.13
CA PRO A 135 8.03 29.06 49.78
C PRO A 135 8.14 27.98 48.69
N PHE A 136 8.70 26.82 49.02
CA PHE A 136 8.84 25.75 48.04
C PHE A 136 8.54 24.39 48.67
N GLU A 137 8.61 23.34 47.85
CA GLU A 137 8.29 21.98 48.29
C GLU A 137 9.19 21.53 49.43
N SER A 138 8.59 20.90 50.43
CA SER A 138 9.33 20.41 51.58
C SER A 138 8.57 19.30 52.28
N GLN A 139 9.29 18.28 52.74
CA GLN A 139 8.68 17.16 53.44
C GLN A 139 8.09 17.60 54.78
N GLY A 140 6.79 17.38 54.94
CA GLY A 140 6.10 17.77 56.16
C GLY A 140 5.48 19.14 56.06
N PHE A 141 5.68 19.81 54.94
CA PHE A 141 5.16 21.15 54.72
C PHE A 141 4.36 21.25 53.43
N GLN A 142 3.67 22.39 53.26
CA GLN A 142 3.00 22.70 52.02
C GLN A 142 3.71 23.86 51.35
N SER A 143 3.63 23.92 50.03
CA SER A 143 4.29 24.99 49.29
C SER A 143 3.29 26.09 48.93
N ALA A 144 3.80 27.29 48.67
CA ALA A 144 2.96 28.44 48.34
C ALA A 144 2.15 28.20 47.07
N ALA A 145 2.68 27.40 46.16
CA ALA A 145 1.99 27.09 44.91
C ALA A 145 0.97 25.98 45.11
N SER A 146 1.24 25.11 46.09
CA SER A 146 0.30 24.05 46.43
C SER A 146 -0.91 24.63 47.14
N GLU A 147 -0.68 25.59 48.04
CA GLU A 147 -1.76 26.20 48.78
C GLU A 147 -2.56 27.16 47.91
N TYR A 148 -1.92 27.68 46.87
CA TYR A 148 -2.61 28.55 45.93
C TYR A 148 -3.56 27.72 45.07
N PHE A 149 -3.08 26.56 44.63
CA PHE A 149 -3.87 25.69 43.77
C PHE A 149 -4.94 24.95 44.55
N ASN A 150 -4.72 24.78 45.85
CA ASN A 150 -5.65 24.02 46.68
C ASN A 150 -6.62 24.90 47.48
N ARG A 151 -6.08 25.90 48.19
CA ARG A 151 -6.91 26.70 49.07
C ARG A 151 -7.54 27.92 48.38
N TYR A 152 -7.01 28.29 47.22
CA TYR A 152 -7.54 29.44 46.49
C TYR A 152 -8.22 29.05 45.17
N ILE A 153 -7.45 28.41 44.29
CA ILE A 153 -7.96 28.04 42.97
C ILE A 153 -9.06 26.98 43.06
N LEU A 154 -8.77 25.91 43.79
CA LEU A 154 -9.71 24.80 43.92
C LEU A 154 -10.69 24.99 45.08
N GLU A 155 -10.21 25.64 46.13
CA GLU A 155 -10.94 25.71 47.40
C GLU A 155 -11.31 24.31 47.87
N LEU A 156 -10.38 23.37 47.64
CA LEU A 156 -10.61 21.97 47.92
C LEU A 156 -10.67 21.70 49.43
N ASN A 157 -10.03 22.55 50.22
CA ASN A 157 -10.01 22.37 51.66
C ASN A 157 -11.40 22.51 52.28
N ARG A 158 -12.27 23.22 51.57
CA ARG A 158 -13.63 23.46 52.05
C ARG A 158 -14.57 22.29 51.77
N SER A 159 -14.03 21.23 51.18
CA SER A 159 -14.79 20.02 50.92
C SER A 159 -14.33 18.88 51.83
N GLU A 160 -15.29 18.15 52.39
CA GLU A 160 -14.97 17.03 53.26
C GLU A 160 -14.95 15.72 52.49
N GLY A 161 -15.28 15.80 51.19
CA GLY A 161 -15.31 14.62 50.34
C GLY A 161 -16.12 14.82 49.08
N ILE A 162 -16.53 13.72 48.46
CA ILE A 162 -17.28 13.78 47.21
C ILE A 162 -18.77 13.98 47.49
N HIS A 163 -19.18 13.70 48.72
CA HIS A 163 -20.55 13.98 49.15
C HIS A 163 -20.74 15.46 49.35
N ASP A 164 -19.64 16.16 49.63
CA ASP A 164 -19.67 17.59 49.89
C ASP A 164 -18.91 18.34 48.80
N LEU A 165 -19.59 18.63 47.69
CA LEU A 165 -18.98 19.37 46.60
C LEU A 165 -18.91 20.86 46.93
N GLY A 166 -19.79 21.30 47.83
CA GLY A 166 -19.80 22.69 48.26
C GLY A 166 -20.26 23.64 47.18
N ALA A 167 -19.96 24.93 47.37
CA ALA A 167 -20.38 25.96 46.43
C ALA A 167 -19.69 25.80 45.08
N ILE A 168 -20.11 26.60 44.11
CA ILE A 168 -19.54 26.54 42.77
C ILE A 168 -18.60 27.70 42.51
N LYS A 169 -17.36 27.38 42.10
CA LYS A 169 -16.41 28.39 41.68
C LYS A 169 -16.81 28.93 40.31
N TRP A 170 -17.40 30.11 40.28
CA TRP A 170 -17.90 30.68 39.04
C TRP A 170 -16.78 31.18 38.14
N ASP A 171 -15.61 31.44 38.72
CA ASP A 171 -14.45 31.80 37.94
C ASP A 171 -13.93 30.56 37.20
N MET A 172 -14.24 29.39 37.75
CA MET A 172 -13.87 28.12 37.12
C MET A 172 -14.92 27.66 36.13
N ALA A 173 -16.19 27.91 36.45
CA ALA A 173 -17.28 27.57 35.54
C ALA A 173 -17.15 28.37 34.26
N LEU A 174 -16.72 29.62 34.38
CA LEU A 174 -16.50 30.49 33.23
C LEU A 174 -15.42 29.91 32.32
N CYS A 175 -14.31 29.48 32.93
CA CYS A 175 -13.20 28.89 32.20
C CYS A 175 -13.60 27.61 31.48
N LEU A 176 -14.44 26.81 32.12
CA LEU A 176 -14.93 25.58 31.51
C LEU A 176 -15.87 25.90 30.35
N LEU A 177 -16.60 27.01 30.48
CA LEU A 177 -17.47 27.47 29.42
C LEU A 177 -16.64 27.90 28.21
N ILE A 178 -15.61 28.68 28.46
CA ILE A 178 -14.69 29.13 27.42
C ILE A 178 -14.05 27.95 26.70
N VAL A 179 -13.71 26.91 27.46
CA VAL A 179 -13.14 25.69 26.89
C VAL A 179 -14.09 25.06 25.86
N TYR A 180 -15.35 24.91 26.24
CA TYR A 180 -16.32 24.27 25.35
C TYR A 180 -16.74 25.20 24.21
N LEU A 181 -16.69 26.51 24.44
CA LEU A 181 -16.96 27.47 23.37
C LEU A 181 -15.92 27.33 22.28
N ILE A 182 -14.66 27.14 22.68
CA ILE A 182 -13.59 26.86 21.73
C ILE A 182 -13.80 25.51 21.05
N CYS A 183 -14.10 24.50 21.86
CA CYS A 183 -14.36 23.16 21.36
C CYS A 183 -15.56 23.14 20.43
N TYR A 184 -16.59 23.91 20.78
CA TYR A 184 -17.74 24.02 19.90
C TYR A 184 -17.27 24.59 18.57
N PHE A 185 -16.76 25.82 18.60
CA PHE A 185 -16.45 26.51 17.36
C PHE A 185 -15.19 25.99 16.65
N SER A 186 -14.87 24.73 16.90
CA SER A 186 -13.79 24.04 16.21
C SER A 186 -14.30 22.74 15.59
N LEU A 187 -15.44 22.25 16.07
CA LEU A 187 -15.95 20.94 15.64
C LEU A 187 -17.34 20.99 15.01
N TRP A 188 -18.05 22.10 15.19
CA TRP A 188 -19.43 22.25 14.68
C TRP A 188 -19.54 22.21 13.15
N LYS A 189 -18.53 22.67 12.40
CA LYS A 189 -18.56 22.43 10.96
C LYS A 189 -17.73 21.23 10.49
N GLY A 190 -17.26 20.39 11.40
CA GLY A 190 -16.52 19.21 10.97
C GLY A 190 -15.04 19.45 10.72
N ILE A 191 -14.41 18.61 9.92
CA ILE A 191 -12.96 18.65 9.74
C ILE A 191 -12.49 19.80 8.85
N SER A 192 -13.43 20.46 8.19
CA SER A 192 -13.11 21.60 7.34
C SER A 192 -12.58 22.77 8.18
N THR A 193 -13.03 22.84 9.43
CA THR A 193 -12.57 23.87 10.36
C THR A 193 -11.65 23.28 11.43
N SER A 194 -11.96 22.06 11.85
CA SER A 194 -11.16 21.38 12.88
C SER A 194 -9.75 21.14 12.39
N GLY A 195 -9.61 20.87 11.10
CA GLY A 195 -8.32 20.64 10.49
C GLY A 195 -7.49 21.90 10.37
N LYS A 196 -8.07 23.03 10.77
CA LYS A 196 -7.37 24.30 10.76
C LYS A 196 -7.06 24.79 12.17
N VAL A 197 -7.96 24.49 13.11
CA VAL A 197 -7.75 24.85 14.50
C VAL A 197 -6.54 24.08 15.06
N VAL A 198 -6.34 22.87 14.55
CA VAL A 198 -5.23 22.04 15.00
C VAL A 198 -3.89 22.56 14.50
N TRP A 199 -3.92 23.53 13.58
CA TRP A 199 -2.69 24.18 13.13
C TRP A 199 -2.11 25.03 14.24
N PHE A 200 -2.98 25.48 15.15
CA PHE A 200 -2.53 26.26 16.29
C PHE A 200 -2.35 25.37 17.51
N THR A 201 -3.38 24.59 17.83
CA THR A 201 -3.38 23.79 19.05
C THR A 201 -2.34 22.67 19.06
N ALA A 202 -1.90 22.25 17.88
CA ALA A 202 -0.91 21.16 17.81
C ALA A 202 0.49 21.67 17.52
N LEU A 203 0.61 22.92 17.07
CA LEU A 203 1.92 23.49 16.73
C LEU A 203 2.42 24.43 17.83
N PHE A 204 1.51 25.12 18.50
CA PHE A 204 1.90 26.01 19.60
C PHE A 204 2.66 25.29 20.72
N PRO A 205 2.24 24.05 21.08
CA PRO A 205 3.04 23.36 22.10
C PRO A 205 4.51 23.18 21.72
N TYR A 206 4.81 23.06 20.44
CA TYR A 206 6.19 22.93 19.99
C TYR A 206 6.89 24.29 20.00
N ALA A 207 6.13 25.35 19.77
CA ALA A 207 6.66 26.70 19.91
C ALA A 207 7.00 26.96 21.36
N ALA A 208 6.09 26.59 22.25
CA ALA A 208 6.30 26.76 23.68
C ALA A 208 7.40 25.84 24.22
N LEU A 209 7.38 24.58 23.79
CA LEU A 209 8.38 23.61 24.24
C LEU A 209 9.80 24.04 23.87
N LEU A 210 9.92 24.69 22.71
CA LEU A 210 11.23 25.11 22.22
C LEU A 210 11.85 26.20 23.11
N ILE A 211 11.06 27.23 23.42
CA ILE A 211 11.58 28.34 24.20
C ILE A 211 11.52 28.07 25.70
N LEU A 212 10.85 26.99 26.07
CA LEU A 212 10.90 26.52 27.46
C LEU A 212 12.07 25.57 27.62
N LEU A 213 12.55 25.05 26.49
CA LEU A 213 13.73 24.20 26.47
C LEU A 213 14.96 25.08 26.59
N ILE A 214 14.97 26.18 25.85
CA ILE A 214 16.07 27.13 25.89
C ILE A 214 16.16 27.77 27.27
N ARG A 215 15.04 28.30 27.76
CA ARG A 215 14.99 28.89 29.09
C ARG A 215 15.31 27.88 30.18
N GLY A 216 14.95 26.63 29.94
CA GLY A 216 15.21 25.57 30.89
C GLY A 216 16.68 25.23 30.98
N LEU A 217 17.35 25.19 29.83
CA LEU A 217 18.76 24.80 29.76
C LEU A 217 19.69 25.95 30.15
N THR A 218 19.27 27.19 29.91
CA THR A 218 20.08 28.36 30.26
C THR A 218 20.14 28.56 31.78
N LEU A 219 19.22 27.94 32.50
CA LEU A 219 19.16 28.05 33.94
C LEU A 219 20.32 27.31 34.62
N PRO A 220 20.82 27.84 35.74
CA PRO A 220 21.85 27.15 36.52
C PRO A 220 21.28 25.90 37.18
N GLY A 221 21.99 24.78 37.05
CA GLY A 221 21.54 23.53 37.63
C GLY A 221 20.74 22.70 36.65
N SER A 222 20.58 23.21 35.44
CA SER A 222 19.80 22.53 34.42
C SER A 222 20.38 21.16 34.07
N PHE A 223 21.70 21.08 33.94
CA PHE A 223 22.37 19.83 33.61
CA PHE A 223 22.37 19.83 33.61
C PHE A 223 22.21 18.81 34.73
N LEU A 224 22.04 19.29 35.95
CA LEU A 224 21.82 18.41 37.10
C LEU A 224 20.50 17.67 36.96
N GLY A 225 19.49 18.36 36.44
CA GLY A 225 18.18 17.76 36.24
C GLY A 225 18.18 16.72 35.15
N ILE A 226 18.97 16.97 34.10
CA ILE A 226 19.10 16.03 33.00
C ILE A 226 19.75 14.74 33.50
N GLN A 227 20.63 14.87 34.48
CA GLN A 227 21.21 13.71 35.14
C GLN A 227 20.12 12.92 35.84
N TYR A 228 19.30 13.59 36.63
CA TYR A 228 18.17 12.95 37.29
C TYR A 228 17.20 12.36 36.27
N TYR A 229 17.12 13.00 35.11
CA TYR A 229 16.22 12.59 34.04
C TYR A 229 16.66 11.29 33.37
N LEU A 230 17.93 11.24 32.92
CA LEU A 230 18.36 10.17 32.02
C LEU A 230 19.58 9.36 32.46
N THR A 231 20.04 9.51 33.70
CA THR A 231 21.14 8.69 34.18
C THR A 231 20.71 7.23 34.20
N PRO A 232 21.28 6.41 33.31
CA PRO A 232 20.84 5.03 33.10
C PRO A 232 21.01 4.17 34.33
N ASN A 233 20.02 3.31 34.61
CA ASN A 233 20.09 2.30 35.65
C ASN A 233 19.41 1.04 35.12
N PHE A 234 20.16 0.27 34.34
CA PHE A 234 19.63 -0.88 33.59
C PHE A 234 19.07 -1.98 34.48
N SER A 235 19.39 -1.92 35.78
CA SER A 235 18.80 -2.83 36.76
C SER A 235 17.28 -2.78 36.71
N ALA A 236 16.76 -1.64 36.26
CA ALA A 236 15.33 -1.43 36.08
C ALA A 236 14.73 -2.36 35.03
N ILE A 237 15.50 -2.64 33.98
CA ILE A 237 15.03 -3.50 32.89
C ILE A 237 14.68 -4.90 33.40
N TYR A 238 15.40 -5.34 34.42
CA TYR A 238 15.15 -6.65 35.02
C TYR A 238 13.89 -6.65 35.87
N LYS A 239 13.36 -5.46 36.16
CA LYS A 239 12.15 -5.33 36.97
C LYS A 239 10.90 -5.36 36.10
N ALA A 240 9.90 -6.12 36.55
CA ALA A 240 8.66 -6.28 35.79
C ALA A 240 7.77 -5.06 35.90
N GLU A 241 7.95 -4.29 36.96
CA GLU A 241 7.16 -3.08 37.18
C GLU A 241 7.53 -1.99 36.17
N VAL A 242 8.81 -1.94 35.80
CA VAL A 242 9.30 -0.97 34.83
C VAL A 242 8.70 -1.24 33.46
N TRP A 243 8.65 -2.52 33.07
CA TRP A 243 8.05 -2.91 31.80
C TRP A 243 6.56 -2.57 31.76
N ALA A 244 5.90 -2.77 32.89
CA ALA A 244 4.47 -2.51 33.00
C ALA A 244 4.18 -1.02 32.91
N ASP A 245 5.03 -0.20 33.50
CA ASP A 245 4.91 1.25 33.41
C ASP A 245 5.18 1.70 31.98
N ALA A 246 6.14 1.03 31.33
CA ALA A 246 6.46 1.32 29.95
C ALA A 246 5.28 0.95 29.05
N ALA A 247 4.79 -0.27 29.22
CA ALA A 247 3.68 -0.77 28.42
C ALA A 247 2.44 0.09 28.58
N THR A 248 2.14 0.47 29.83
CA THR A 248 0.96 1.28 30.13
C THR A 248 1.08 2.68 29.55
N GLN A 249 2.26 3.29 29.69
CA GLN A 249 2.50 4.62 29.16
C GLN A 249 2.33 4.65 27.64
N VAL A 250 3.02 3.73 26.97
CA VAL A 250 2.96 3.61 25.52
C VAL A 250 1.52 3.52 25.02
N PHE A 251 0.71 2.70 25.70
CA PHE A 251 -0.67 2.50 25.28
C PHE A 251 -1.52 3.76 25.42
N PHE A 252 -1.57 4.33 26.62
CA PHE A 252 -2.44 5.48 26.87
C PHE A 252 -1.93 6.76 26.24
N SER A 253 -0.64 6.81 25.89
CA SER A 253 -0.07 8.02 25.29
C SER A 253 -0.20 8.03 23.77
N LEU A 254 -0.52 6.87 23.19
CA LEU A 254 -0.79 6.79 21.75
C LEU A 254 -2.29 6.78 21.49
N GLY A 255 -3.04 6.26 22.45
CA GLY A 255 -4.49 6.11 22.33
C GLY A 255 -5.00 5.31 21.16
N PRO A 256 -4.55 4.05 20.99
CA PRO A 256 -5.07 3.24 19.90
C PRO A 256 -6.33 2.46 20.29
N GLY A 257 -7.23 2.29 19.34
CA GLY A 257 -8.47 1.56 19.60
C GLY A 257 -9.44 2.34 20.44
N PHE A 258 -9.27 3.66 20.48
CA PHE A 258 -10.12 4.55 21.27
C PHE A 258 -11.25 5.14 20.42
N GLY A 259 -11.24 4.86 19.12
CA GLY A 259 -12.28 5.32 18.23
C GLY A 259 -12.04 6.67 17.59
N VAL A 260 -10.94 7.31 17.97
CA VAL A 260 -10.59 8.63 17.46
C VAL A 260 -9.68 8.63 16.22
N LEU A 261 -8.67 7.78 16.23
CA LEU A 261 -7.82 7.60 15.06
C LEU A 261 -8.67 7.00 13.97
N LEU A 262 -9.54 6.08 14.38
CA LEU A 262 -10.54 5.48 13.52
C LEU A 262 -11.37 6.55 12.82
N ALA A 263 -11.92 7.46 13.61
CA ALA A 263 -12.77 8.52 13.07
C ALA A 263 -11.98 9.46 12.17
N TYR A 264 -10.79 9.84 12.63
CA TYR A 264 -9.92 10.75 11.89
C TYR A 264 -9.45 10.16 10.57
N ALA A 265 -9.10 8.88 10.59
CA ALA A 265 -8.63 8.20 9.39
C ALA A 265 -9.78 7.87 8.45
N SER A 266 -10.99 7.82 8.98
CA SER A 266 -12.16 7.50 8.18
C SER A 266 -12.45 8.60 7.15
N TYR A 267 -11.82 9.76 7.33
CA TYR A 267 -11.98 10.87 6.40
C TYR A 267 -10.81 10.96 5.43
N ASN A 268 -9.89 10.00 5.52
CA ASN A 268 -8.77 9.93 4.59
C ASN A 268 -9.20 9.41 3.23
N LYS A 269 -8.40 9.70 2.21
CA LYS A 269 -8.59 9.08 0.90
C LYS A 269 -8.23 7.61 1.02
N TYR A 270 -8.90 6.77 0.23
CA TYR A 270 -8.78 5.33 0.39
C TYR A 270 -7.37 4.82 0.11
N HIS A 271 -6.73 5.39 -0.90
CA HIS A 271 -5.39 4.94 -1.30
C HIS A 271 -4.30 5.80 -0.69
N ASN A 272 -4.62 6.45 0.42
CA ASN A 272 -3.64 7.21 1.19
C ASN A 272 -2.68 6.28 1.91
N ASN A 273 -1.40 6.65 1.95
CA ASN A 273 -0.38 5.83 2.61
C ASN A 273 -0.47 5.97 4.12
N VAL A 274 -1.42 5.26 4.71
CA VAL A 274 -1.69 5.37 6.14
C VAL A 274 -0.58 4.72 6.97
N TYR A 275 0.24 3.91 6.32
CA TYR A 275 1.36 3.27 7.00
C TYR A 275 2.44 4.28 7.35
N LYS A 276 2.69 5.22 6.44
CA LYS A 276 3.65 6.28 6.67
C LYS A 276 3.12 7.23 7.74
N ASP A 277 1.80 7.41 7.75
CA ASP A 277 1.14 8.27 8.72
C ASP A 277 1.25 7.72 10.14
N ALA A 278 1.11 6.40 10.26
CA ALA A 278 1.18 5.74 11.56
C ALA A 278 2.57 5.91 12.16
N LEU A 279 3.60 5.64 11.36
CA LEU A 279 4.98 5.71 11.82
C LEU A 279 5.40 7.15 12.13
N LEU A 280 5.01 8.08 11.28
CA LEU A 280 5.37 9.49 11.46
C LEU A 280 4.75 10.07 12.74
N THR A 281 3.47 9.83 12.94
CA THR A 281 2.75 10.37 14.09
C THR A 281 3.15 9.70 15.40
N SER A 282 3.43 8.39 15.35
CA SER A 282 3.88 7.66 16.53
C SER A 282 5.21 8.19 17.04
N PHE A 283 6.12 8.46 16.11
CA PHE A 283 7.44 8.99 16.44
C PHE A 283 7.33 10.37 17.06
N ILE A 284 6.62 11.26 16.38
CA ILE A 284 6.43 12.63 16.84
C ILE A 284 5.84 12.70 18.24
N ASN A 285 4.93 11.78 18.55
CA ASN A 285 4.35 11.70 19.88
C ASN A 285 5.37 11.34 20.95
N SER A 286 6.18 10.33 20.67
CA SER A 286 7.21 9.89 21.62
C SER A 286 8.39 10.87 21.66
N ALA A 287 8.69 11.47 20.52
CA ALA A 287 9.78 12.45 20.46
C ALA A 287 9.41 13.70 21.23
N THR A 288 8.14 14.08 21.17
CA THR A 288 7.64 15.22 21.94
C THR A 288 7.82 14.97 23.43
N SER A 289 7.51 13.75 23.84
CA SER A 289 7.64 13.36 25.24
C SER A 289 9.09 13.43 25.69
N PHE A 290 9.99 12.97 24.84
CA PHE A 290 11.42 13.00 25.12
C PHE A 290 11.91 14.43 25.27
N ILE A 291 11.50 15.30 24.35
CA ILE A 291 11.84 16.71 24.41
C ILE A 291 11.24 17.38 25.64
N ALA A 292 9.99 17.04 25.94
CA ALA A 292 9.30 17.61 27.10
C ALA A 292 10.01 17.23 28.39
N GLY A 293 10.64 16.06 28.39
CA GLY A 293 11.42 15.61 29.53
C GLY A 293 12.55 16.57 29.85
N PHE A 294 13.27 16.99 28.83
CA PHE A 294 14.35 17.97 29.00
C PHE A 294 13.80 19.30 29.50
N VAL A 295 12.65 19.70 28.95
CA VAL A 295 12.00 20.94 29.34
C VAL A 295 11.66 20.94 30.82
N ILE A 296 11.11 19.83 31.31
CA ILE A 296 10.68 19.71 32.69
C ILE A 296 11.87 19.63 33.65
N PHE A 297 12.75 18.66 33.43
CA PHE A 297 13.80 18.36 34.40
C PHE A 297 14.95 19.37 34.38
N SER A 298 15.06 20.17 33.32
CA SER A 298 16.03 21.25 33.31
C SER A 298 15.64 22.27 34.37
N VAL A 299 14.33 22.46 34.53
CA VAL A 299 13.80 23.37 35.55
C VAL A 299 13.82 22.68 36.92
N LEU A 300 13.63 21.37 36.92
CA LEU A 300 13.65 20.60 38.16
C LEU A 300 15.05 20.59 38.79
N GLY A 301 16.08 20.52 37.96
CA GLY A 301 17.44 20.56 38.45
C GLY A 301 17.79 21.96 38.94
N TYR A 302 17.29 22.97 38.24
CA TYR A 302 17.45 24.37 38.62
C TYR A 302 16.89 24.61 40.02
N MET A 303 15.79 23.95 40.34
CA MET A 303 15.19 24.07 41.66
C MET A 303 16.04 23.38 42.72
N ALA A 304 16.52 22.17 42.39
CA ALA A 304 17.32 21.40 43.33
C ALA A 304 18.69 22.04 43.58
N HIS A 305 19.12 22.89 42.65
CA HIS A 305 20.44 23.49 42.74
C HIS A 305 20.40 24.89 43.36
N THR A 306 19.56 25.77 42.81
CA THR A 306 19.56 27.17 43.21
C THR A 306 18.42 27.54 44.17
N LEU A 307 17.50 26.61 44.40
CA LEU A 307 16.37 26.87 45.29
C LEU A 307 16.45 26.01 46.55
N GLY A 308 17.41 25.09 46.56
CA GLY A 308 17.68 24.26 47.73
C GLY A 308 16.54 23.33 48.12
N VAL A 309 15.90 22.73 47.12
CA VAL A 309 14.80 21.81 47.37
C VAL A 309 15.19 20.39 46.94
N ARG A 310 14.75 19.40 47.71
CA ARG A 310 15.04 18.01 47.40
C ARG A 310 14.46 17.62 46.04
N ILE A 311 15.15 16.73 45.34
CA ILE A 311 14.68 16.27 44.04
C ILE A 311 13.48 15.36 44.19
N GLU A 312 13.39 14.68 45.34
CA GLU A 312 12.28 13.78 45.61
C GLU A 312 10.97 14.53 45.74
N ASP A 313 11.06 15.77 46.20
CA ASP A 313 9.88 16.57 46.49
C ASP A 313 9.34 17.30 45.25
N VAL A 314 10.15 17.38 44.20
CA VAL A 314 9.76 18.13 43.01
C VAL A 314 9.57 17.25 41.78
N ALA A 315 10.28 16.12 41.73
CA ALA A 315 10.11 15.19 40.62
C ALA A 315 8.82 14.41 40.80
N THR A 316 7.71 15.02 40.41
CA THR A 316 6.40 14.42 40.60
C THR A 316 5.67 14.24 39.27
N GLU A 317 4.45 13.71 39.34
CA GLU A 317 3.66 13.43 38.15
C GLU A 317 2.28 14.08 38.24
N GLY A 318 1.57 14.15 37.11
CA GLY A 318 0.21 14.64 37.10
C GLY A 318 0.08 16.13 37.37
N PRO A 319 -1.14 16.60 37.65
CA PRO A 319 -1.42 18.02 37.89
C PRO A 319 -0.55 18.67 38.97
N GLY A 320 -0.01 17.88 39.89
CA GLY A 320 0.93 18.41 40.86
C GLY A 320 2.17 18.99 40.21
N LEU A 321 2.51 18.50 39.02
CA LEU A 321 3.75 18.92 38.37
C LEU A 321 3.63 20.27 37.65
N VAL A 322 2.53 20.51 36.94
CA VAL A 322 2.39 21.73 36.15
C VAL A 322 1.49 22.81 36.75
N PHE A 323 0.79 22.50 37.82
CA PHE A 323 -0.07 23.49 38.44
C PHE A 323 0.54 23.95 39.76
N VAL A 324 1.56 23.24 40.21
CA VAL A 324 2.19 23.54 41.48
C VAL A 324 3.71 23.65 41.37
N VAL A 325 4.36 22.56 40.98
CA VAL A 325 5.82 22.49 41.00
C VAL A 325 6.49 23.36 39.93
N TYR A 326 6.05 23.24 38.68
CA TYR A 326 6.66 24.01 37.60
C TYR A 326 6.38 25.51 37.68
N PRO A 327 5.12 25.92 37.97
CA PRO A 327 4.91 27.37 38.10
C PRO A 327 5.70 27.99 39.26
N ALA A 328 5.99 27.18 40.27
CA ALA A 328 6.76 27.66 41.42
C ALA A 328 8.15 28.08 41.01
N ALA A 329 8.73 27.34 40.06
CA ALA A 329 10.05 27.68 39.53
C ALA A 329 9.97 28.88 38.60
N ILE A 330 8.89 28.95 37.83
CA ILE A 330 8.66 30.05 36.90
C ILE A 330 8.64 31.41 37.60
N ALA A 331 7.97 31.46 38.74
CA ALA A 331 7.79 32.71 39.48
C ALA A 331 9.09 33.23 40.10
N THR A 332 10.17 32.46 39.99
CA THR A 332 11.45 32.84 40.59
C THR A 332 12.45 33.35 39.55
N MET A 333 12.19 33.05 38.29
CA MET A 333 13.11 33.43 37.21
C MET A 333 12.68 34.75 36.57
N PRO A 334 13.65 35.52 36.03
CA PRO A 334 13.36 36.78 35.36
C PRO A 334 12.37 36.61 34.20
N ALA A 335 11.57 37.63 33.94
CA ALA A 335 10.49 37.57 32.96
C ALA A 335 9.54 36.42 33.29
N SER A 336 9.22 36.30 34.57
CA SER A 336 8.37 35.22 35.08
C SER A 336 6.97 35.23 34.44
N THR A 337 6.43 36.42 34.24
CA THR A 337 5.08 36.56 33.71
C THR A 337 4.99 36.03 32.28
N PHE A 338 6.07 36.21 31.52
CA PHE A 338 6.10 35.73 30.14
C PHE A 338 6.07 34.21 30.07
N TRP A 339 6.92 33.57 30.86
CA TRP A 339 7.01 32.11 30.85
C TRP A 339 5.76 31.47 31.44
N ALA A 340 5.11 32.16 32.37
CA ALA A 340 3.87 31.68 32.96
C ALA A 340 2.75 31.62 31.92
N LEU A 341 2.52 32.74 31.24
CA LEU A 341 1.47 32.85 30.24
C LEU A 341 1.66 31.83 29.11
N ILE A 342 2.90 31.62 28.71
CA ILE A 342 3.19 30.67 27.64
C ILE A 342 3.05 29.22 28.09
N PHE A 343 3.59 28.91 29.27
CA PHE A 343 3.45 27.57 29.84
C PHE A 343 1.96 27.23 29.85
N PHE A 344 1.19 27.97 30.63
CA PHE A 344 -0.23 27.69 30.77
C PHE A 344 -1.01 27.64 29.45
N MET A 345 -0.58 28.42 28.46
CA MET A 345 -1.22 28.37 27.15
C MET A 345 -0.79 27.12 26.39
N MET A 346 0.39 26.60 26.72
CA MET A 346 0.86 25.33 26.16
C MET A 346 -0.01 24.18 26.66
N LEU A 347 -0.07 24.03 27.96
CA LEU A 347 -0.93 23.01 28.56
C LEU A 347 -2.39 23.06 28.12
N ALA A 348 -2.85 24.26 27.75
CA ALA A 348 -4.23 24.41 27.29
C ALA A 348 -4.39 23.85 25.89
N THR A 349 -3.50 24.25 24.98
CA THR A 349 -3.52 23.75 23.61
C THR A 349 -3.13 22.28 23.59
N LEU A 350 -2.42 21.84 24.62
CA LEU A 350 -1.96 20.46 24.71
C LEU A 350 -3.14 19.53 24.99
N GLY A 351 -4.19 20.07 25.60
CA GLY A 351 -5.35 19.28 25.92
C GLY A 351 -6.49 19.48 24.93
N LEU A 352 -6.55 20.67 24.34
CA LEU A 352 -7.65 21.04 23.45
C LEU A 352 -7.81 20.10 22.26
N ASP A 353 -6.75 19.92 21.48
CA ASP A 353 -6.82 19.09 20.29
C ASP A 353 -6.98 17.61 20.63
N SER A 354 -6.72 17.25 21.89
CA SER A 354 -7.02 15.91 22.36
C SER A 354 -8.51 15.81 22.65
N SER A 355 -9.05 16.85 23.25
CA SER A 355 -10.48 16.94 23.53
C SER A 355 -11.29 16.99 22.24
N PHE A 356 -10.68 17.54 21.19
CA PHE A 356 -11.31 17.56 19.87
C PHE A 356 -11.49 16.13 19.38
N GLY A 357 -10.40 15.37 19.45
CA GLY A 357 -10.39 14.00 18.98
C GLY A 357 -11.38 13.12 19.71
N GLY A 358 -11.38 13.23 21.04
CA GLY A 358 -12.30 12.48 21.87
C GLY A 358 -13.74 12.73 21.48
N SER A 359 -14.09 14.00 21.33
CA SER A 359 -15.44 14.40 20.96
C SER A 359 -15.76 13.99 19.52
N GLU A 360 -14.83 14.25 18.61
CA GLU A 360 -15.01 13.92 17.20
C GLU A 360 -15.24 12.43 17.01
N ALA A 361 -14.59 11.63 17.85
CA ALA A 361 -14.77 10.18 17.82
C ALA A 361 -16.23 9.83 18.03
N ILE A 362 -16.89 10.59 18.90
CA ILE A 362 -18.31 10.38 19.20
C ILE A 362 -19.19 10.85 18.05
N ILE A 363 -19.02 12.11 17.66
CA ILE A 363 -19.84 12.72 16.62
C ILE A 363 -19.75 11.98 15.29
N THR A 364 -18.56 11.52 14.94
CA THR A 364 -18.37 10.78 13.70
C THR A 364 -19.00 9.40 13.78
N ALA A 365 -18.78 8.71 14.90
CA ALA A 365 -19.31 7.36 15.09
C ALA A 365 -20.83 7.35 15.11
N LEU A 366 -21.42 8.48 15.47
CA LEU A 366 -22.87 8.58 15.56
C LEU A 366 -23.48 9.02 14.23
N SER A 367 -22.78 9.91 13.52
CA SER A 367 -23.24 10.39 12.23
C SER A 367 -23.29 9.26 11.19
N ASP A 368 -22.42 8.27 11.35
CA ASP A 368 -22.36 7.16 10.41
C ASP A 368 -23.41 6.10 10.72
N GLU A 369 -23.88 6.09 11.97
CA GLU A 369 -24.88 5.11 12.39
C GLU A 369 -26.27 5.71 12.37
N PHE A 370 -26.35 7.02 12.61
CA PHE A 370 -27.63 7.72 12.67
C PHE A 370 -27.64 8.96 11.80
N PRO A 371 -28.29 8.89 10.63
CA PRO A 371 -28.39 10.03 9.70
C PRO A 371 -29.14 11.22 10.30
N LYS A 372 -29.91 10.96 11.35
CA LYS A 372 -30.73 11.98 12.01
C LYS A 372 -29.87 13.13 12.55
N ILE A 373 -28.68 12.79 13.04
CA ILE A 373 -27.80 13.79 13.64
C ILE A 373 -26.65 14.19 12.72
N LYS A 374 -26.44 13.42 11.66
CA LYS A 374 -25.45 13.80 10.65
C LYS A 374 -25.97 14.99 9.86
N ARG A 375 -27.29 15.07 9.71
CA ARG A 375 -27.93 16.19 9.04
C ARG A 375 -27.98 17.40 9.95
N ASN A 376 -27.97 17.16 11.25
CA ASN A 376 -28.00 18.23 12.24
C ASN A 376 -26.82 18.16 13.20
N ARG A 377 -25.62 18.43 12.67
CA ARG A 377 -24.40 18.35 13.45
C ARG A 377 -24.36 19.39 14.56
N GLU A 378 -24.47 20.67 14.16
CA GLU A 378 -24.36 21.78 15.10
C GLU A 378 -25.34 21.67 16.26
N LEU A 379 -26.57 21.26 15.97
CA LEU A 379 -27.58 21.12 17.01
C LEU A 379 -27.21 20.01 17.98
N PHE A 380 -26.67 18.92 17.45
CA PHE A 380 -26.32 17.77 18.28
C PHE A 380 -25.15 18.08 19.23
N VAL A 381 -24.07 18.59 18.67
CA VAL A 381 -22.87 18.86 19.47
C VAL A 381 -23.08 20.03 20.42
N ALA A 382 -24.08 20.87 20.13
CA ALA A 382 -24.45 21.94 21.05
C ALA A 382 -25.12 21.34 22.27
N GLY A 383 -25.96 20.33 22.03
CA GLY A 383 -26.61 19.62 23.11
C GLY A 383 -25.60 18.78 23.86
N LEU A 384 -24.61 18.29 23.13
CA LEU A 384 -23.56 17.45 23.71
C LEU A 384 -22.68 18.25 24.67
N PHE A 385 -22.15 19.37 24.19
CA PHE A 385 -21.26 20.20 24.99
C PHE A 385 -22.02 20.88 26.13
N SER A 386 -23.31 21.15 25.91
CA SER A 386 -24.15 21.70 26.95
C SER A 386 -24.32 20.67 28.06
N LEU A 387 -24.49 19.41 27.67
CA LEU A 387 -24.57 18.31 28.62
C LEU A 387 -23.24 18.19 29.37
N TYR A 388 -22.14 18.32 28.63
CA TYR A 388 -20.81 18.32 29.22
C TYR A 388 -20.67 19.40 30.29
N PHE A 389 -21.06 20.62 29.92
CA PHE A 389 -20.93 21.77 30.79
C PHE A 389 -21.77 21.67 32.05
N VAL A 390 -23.04 21.30 31.89
CA VAL A 390 -23.99 21.25 33.01
C VAL A 390 -23.49 20.37 34.13
N VAL A 391 -23.11 19.14 33.81
CA VAL A 391 -22.57 18.22 34.81
C VAL A 391 -21.12 18.59 35.11
N GLY A 392 -20.47 19.27 34.15
CA GLY A 392 -19.11 19.71 34.32
C GLY A 392 -18.96 20.78 35.39
N LEU A 393 -20.09 21.35 35.79
CA LEU A 393 -20.12 22.32 36.88
C LEU A 393 -19.76 21.64 38.21
N ALA A 394 -19.98 20.33 38.27
CA ALA A 394 -19.63 19.55 39.46
C ALA A 394 -18.11 19.51 39.63
N SER A 395 -17.39 19.63 38.52
CA SER A 395 -15.94 19.69 38.55
C SER A 395 -15.47 21.10 38.89
N CYS A 396 -16.41 22.05 38.84
CA CYS A 396 -16.10 23.44 39.14
C CYS A 396 -16.49 23.81 40.57
N THR A 397 -17.00 22.83 41.31
CA THR A 397 -17.35 23.06 42.71
C THR A 397 -16.10 23.01 43.57
N GLN A 398 -16.26 23.31 44.86
CA GLN A 398 -15.15 23.30 45.80
C GLN A 398 -14.55 21.91 45.93
N GLY A 399 -15.40 20.90 45.89
CA GLY A 399 -14.95 19.52 45.93
C GLY A 399 -14.85 18.94 44.53
N GLY A 400 -14.77 19.84 43.54
CA GLY A 400 -14.73 19.45 42.14
C GLY A 400 -13.61 18.49 41.81
N PHE A 401 -12.48 18.63 42.49
CA PHE A 401 -11.34 17.76 42.24
C PHE A 401 -11.66 16.32 42.61
N TYR A 402 -12.47 16.15 43.65
CA TYR A 402 -12.87 14.83 44.09
C TYR A 402 -13.71 14.13 43.03
N PHE A 403 -14.51 14.92 42.32
CA PHE A 403 -15.32 14.40 41.21
C PHE A 403 -14.41 14.03 40.05
N PHE A 404 -13.51 14.95 39.69
CA PHE A 404 -12.52 14.73 38.66
C PHE A 404 -11.70 13.48 38.92
N HIS A 405 -11.24 13.32 40.16
CA HIS A 405 -10.36 12.22 40.53
C HIS A 405 -11.05 10.86 40.42
N LEU A 406 -12.35 10.84 40.71
CA LEU A 406 -13.12 9.61 40.66
C LEU A 406 -13.20 9.09 39.24
N LEU A 407 -13.66 9.94 38.33
CA LEU A 407 -13.78 9.57 36.93
C LEU A 407 -12.43 9.17 36.35
N ASP A 408 -11.39 9.92 36.71
CA ASP A 408 -10.05 9.66 36.21
C ASP A 408 -9.59 8.23 36.48
N ARG A 409 -9.97 7.69 37.64
CA ARG A 409 -9.51 6.36 38.04
C ARG A 409 -10.48 5.25 37.63
N TYR A 410 -11.63 5.62 37.07
CA TYR A 410 -12.66 4.63 36.73
C TYR A 410 -13.25 4.76 35.31
N ALA A 411 -13.48 5.98 34.85
CA ALA A 411 -14.23 6.20 33.61
C ALA A 411 -13.68 5.44 32.39
N ALA A 412 -12.38 5.49 32.17
CA ALA A 412 -11.81 4.94 30.94
C ALA A 412 -10.60 4.04 31.18
N GLY A 413 -10.03 4.09 32.38
CA GLY A 413 -8.83 3.33 32.69
C GLY A 413 -8.87 1.84 32.37
N TYR A 414 -9.87 1.13 32.89
CA TYR A 414 -9.97 -0.32 32.73
C TYR A 414 -10.83 -0.70 31.54
N SER A 415 -11.88 0.09 31.31
CA SER A 415 -12.85 -0.20 30.26
C SER A 415 -12.22 -0.31 28.88
N ILE A 416 -11.42 0.68 28.50
CA ILE A 416 -10.85 0.71 27.16
C ILE A 416 -9.79 -0.38 26.95
N LEU A 417 -9.16 -0.84 28.04
CA LEU A 417 -8.13 -1.86 27.94
C LEU A 417 -8.72 -3.19 27.46
N VAL A 418 -9.85 -3.58 28.03
CA VAL A 418 -10.50 -4.82 27.64
C VAL A 418 -11.36 -4.60 26.40
N ALA A 419 -11.65 -3.33 26.10
CA ALA A 419 -12.34 -2.99 24.86
C ALA A 419 -11.40 -3.19 23.69
N VAL A 420 -10.22 -2.57 23.78
CA VAL A 420 -9.18 -2.70 22.76
C VAL A 420 -8.69 -4.15 22.69
N PHE A 421 -8.73 -4.84 23.83
CA PHE A 421 -8.37 -6.25 23.86
C PHE A 421 -9.27 -7.05 22.93
N PHE A 422 -10.58 -6.81 23.03
CA PHE A 422 -11.54 -7.48 22.16
C PHE A 422 -11.39 -7.00 20.72
N GLU A 423 -10.87 -5.79 20.54
CA GLU A 423 -10.60 -5.26 19.21
C GLU A 423 -9.49 -6.04 18.52
N ALA A 424 -8.41 -6.27 19.25
CA ALA A 424 -7.28 -7.04 18.73
C ALA A 424 -7.69 -8.47 18.41
N ILE A 425 -8.51 -9.04 19.28
CA ILE A 425 -9.01 -10.40 19.08
C ILE A 425 -9.95 -10.46 17.88
N ALA A 426 -10.78 -9.43 17.72
CA ALA A 426 -11.74 -9.38 16.64
C ALA A 426 -11.09 -9.32 15.26
N VAL A 427 -10.09 -8.47 15.10
CA VAL A 427 -9.48 -8.24 13.80
C VAL A 427 -8.42 -9.29 13.44
N SER A 428 -7.73 -9.81 14.44
CA SER A 428 -6.65 -10.75 14.20
C SER A 428 -7.08 -12.21 14.23
N TRP A 429 -8.27 -12.49 14.75
CA TRP A 429 -8.72 -13.87 14.86
C TRP A 429 -10.13 -14.11 14.29
N ILE A 430 -11.02 -13.15 14.49
CA ILE A 430 -12.38 -13.28 13.96
C ILE A 430 -12.42 -12.76 12.52
N TYR A 431 -11.98 -11.52 12.33
CA TYR A 431 -11.89 -10.93 11.00
C TYR A 431 -10.65 -11.46 10.30
N GLY A 432 -9.65 -11.84 11.08
CA GLY A 432 -8.44 -12.43 10.56
C GLY A 432 -7.42 -11.43 10.04
N THR A 433 -6.14 -11.75 10.20
CA THR A 433 -5.08 -10.92 9.66
C THR A 433 -5.06 -11.05 8.13
N ASN A 434 -5.45 -12.22 7.65
CA ASN A 434 -5.52 -12.51 6.22
C ASN A 434 -6.31 -11.45 5.48
N ARG A 435 -7.52 -11.19 5.97
CA ARG A 435 -8.42 -10.24 5.33
CA ARG A 435 -8.42 -10.24 5.33
C ARG A 435 -8.00 -8.81 5.59
N PHE A 436 -7.38 -8.58 6.75
CA PHE A 436 -6.93 -7.24 7.11
C PHE A 436 -5.67 -6.85 6.33
N SER A 437 -4.74 -7.79 6.20
CA SER A 437 -3.55 -7.57 5.39
C SER A 437 -3.96 -7.32 3.94
N GLU A 438 -5.03 -7.98 3.52
CA GLU A 438 -5.56 -7.82 2.17
C GLU A 438 -6.14 -6.42 1.99
N ASP A 439 -6.87 -5.95 2.99
CA ASP A 439 -7.48 -4.62 2.95
C ASP A 439 -6.43 -3.55 2.80
N ILE A 440 -5.36 -3.69 3.59
CA ILE A 440 -4.28 -2.71 3.62
C ILE A 440 -3.55 -2.69 2.28
N ARG A 441 -3.30 -3.86 1.71
CA ARG A 441 -2.65 -3.97 0.41
C ARG A 441 -3.42 -3.22 -0.67
N ASP A 442 -4.74 -3.35 -0.64
CA ASP A 442 -5.56 -2.70 -1.66
C ASP A 442 -5.47 -1.18 -1.52
N MET A 443 -5.27 -0.71 -0.29
CA MET A 443 -5.19 0.72 -0.03
C MET A 443 -3.85 1.29 -0.45
N ILE A 444 -2.80 0.90 0.25
CA ILE A 444 -1.49 1.52 0.12
C ILE A 444 -0.58 0.79 -0.87
N GLY A 445 -1.07 -0.30 -1.44
CA GLY A 445 -0.35 -0.97 -2.50
C GLY A 445 0.40 -2.23 -2.09
N PHE A 446 0.61 -2.40 -0.78
CA PHE A 446 1.39 -3.52 -0.30
C PHE A 446 0.86 -4.01 1.04
N PRO A 447 1.01 -5.32 1.31
CA PRO A 447 0.55 -5.89 2.58
C PRO A 447 1.56 -5.64 3.70
N PRO A 448 1.10 -5.66 4.95
CA PRO A 448 1.97 -5.53 6.11
C PRO A 448 2.96 -6.69 6.19
N GLY A 449 4.16 -6.43 6.71
CA GLY A 449 5.15 -7.48 6.87
C GLY A 449 4.69 -8.53 7.86
N ARG A 450 5.45 -9.61 7.97
CA ARG A 450 5.12 -10.67 8.92
C ARG A 450 5.22 -10.14 10.35
N TYR A 451 6.02 -9.09 10.53
CA TYR A 451 6.18 -8.45 11.84
C TYR A 451 4.87 -7.94 12.41
N TRP A 452 4.19 -7.08 11.66
CA TRP A 452 2.93 -6.50 12.11
C TRP A 452 1.86 -7.55 12.33
N GLN A 453 1.87 -8.58 11.48
CA GLN A 453 0.88 -9.65 11.60
C GLN A 453 1.08 -10.45 12.87
N VAL A 454 2.34 -10.76 13.19
CA VAL A 454 2.67 -11.46 14.42
C VAL A 454 2.29 -10.61 15.64
N CYS A 455 2.61 -9.32 15.57
CA CYS A 455 2.32 -8.41 16.66
C CYS A 455 0.82 -8.25 16.90
N TRP A 456 0.06 -8.08 15.82
CA TRP A 456 -1.39 -7.96 15.90
C TRP A 456 -2.05 -9.22 16.45
N ARG A 457 -1.42 -10.35 16.20
CA ARG A 457 -2.04 -11.65 16.49
C ARG A 457 -1.63 -12.21 17.85
N PHE A 458 -0.35 -12.07 18.20
CA PHE A 458 0.16 -12.66 19.43
C PHE A 458 0.61 -11.64 20.46
N VAL A 459 1.41 -10.67 20.03
CA VAL A 459 2.02 -9.72 20.96
C VAL A 459 1.00 -8.72 21.53
N ALA A 460 0.15 -8.18 20.67
CA ALA A 460 -0.82 -7.17 21.09
C ALA A 460 -1.79 -7.64 22.19
N PRO A 461 -2.40 -8.84 22.05
CA PRO A 461 -3.28 -9.26 23.14
C PRO A 461 -2.54 -9.48 24.46
N ILE A 462 -1.36 -10.09 24.38
CA ILE A 462 -0.53 -10.28 25.57
C ILE A 462 -0.12 -8.93 26.15
N PHE A 463 0.26 -8.00 25.28
CA PHE A 463 0.61 -6.63 25.66
C PHE A 463 -0.53 -5.95 26.42
N LEU A 464 -1.74 -6.02 25.87
CA LEU A 464 -2.91 -5.41 26.50
C LEU A 464 -3.25 -6.10 27.81
N LEU A 465 -3.08 -7.42 27.85
CA LEU A 465 -3.38 -8.20 29.04
C LEU A 465 -2.35 -7.93 30.12
N PHE A 466 -1.12 -7.69 29.70
CA PHE A 466 -0.01 -7.39 30.60
C PHE A 466 -0.24 -6.08 31.34
N ILE A 467 -1.04 -5.22 30.74
CA ILE A 467 -1.36 -3.93 31.35
C ILE A 467 -2.60 -4.02 32.23
N THR A 468 -3.64 -4.68 31.73
CA THR A 468 -4.89 -4.86 32.47
C THR A 468 -4.63 -5.59 33.78
N VAL A 469 -3.84 -6.66 33.71
CA VAL A 469 -3.46 -7.43 34.89
C VAL A 469 -2.68 -6.53 35.86
N TYR A 470 -1.82 -5.68 35.31
CA TYR A 470 -0.96 -4.82 36.11
C TYR A 470 -1.73 -3.74 36.86
N LEU A 471 -2.70 -3.13 36.19
CA LEU A 471 -3.53 -2.11 36.82
C LEU A 471 -4.43 -2.73 37.88
N LEU A 472 -4.70 -4.03 37.72
CA LEU A 472 -5.55 -4.76 38.67
C LEU A 472 -4.75 -5.15 39.92
N ILE A 473 -3.50 -5.54 39.73
CA ILE A 473 -2.64 -5.90 40.86
C ILE A 473 -2.42 -4.72 41.78
N GLY A 474 -2.05 -3.58 41.21
CA GLY A 474 -1.80 -2.38 41.97
C GLY A 474 -3.05 -1.63 42.37
N TYR A 475 -4.20 -2.32 42.33
CA TYR A 475 -5.46 -1.69 42.71
C TYR A 475 -5.48 -1.39 44.21
N GLU A 476 -6.20 -0.34 44.56
CA GLU A 476 -6.29 0.13 45.92
C GLU A 476 -7.55 0.97 46.00
N PRO A 477 -8.39 0.74 47.03
CA PRO A 477 -9.61 1.51 47.21
C PRO A 477 -9.33 3.01 47.08
N LEU A 478 -10.11 3.69 46.27
CA LEU A 478 -9.80 5.06 45.86
C LEU A 478 -9.60 5.99 47.06
N THR A 479 -8.42 6.62 47.11
CA THR A 479 -8.09 7.57 48.17
C THR A 479 -7.39 8.78 47.58
N TYR A 480 -7.32 9.85 48.37
CA TYR A 480 -6.54 11.02 48.00
C TYR A 480 -5.97 11.67 49.25
N ALA A 481 -4.65 11.62 49.39
CA ALA A 481 -3.97 12.04 50.60
C ALA A 481 -4.55 11.29 51.82
N ASP A 482 -5.02 12.03 52.80
CA ASP A 482 -5.64 11.43 53.98
C ASP A 482 -7.03 10.93 53.66
N TYR A 483 -7.70 11.60 52.73
CA TYR A 483 -9.09 11.31 52.41
C TYR A 483 -9.27 9.92 51.80
N VAL A 484 -10.25 9.19 52.31
CA VAL A 484 -10.58 7.87 51.77
C VAL A 484 -12.03 7.86 51.29
N TYR A 485 -12.22 7.53 50.01
CA TYR A 485 -13.55 7.50 49.42
C TYR A 485 -14.44 6.46 50.08
N PRO A 486 -15.73 6.78 50.23
CA PRO A 486 -16.71 5.84 50.76
C PRO A 486 -16.89 4.65 49.81
N SER A 487 -17.39 3.54 50.35
CA SER A 487 -17.55 2.31 49.58
C SER A 487 -18.44 2.50 48.34
N TRP A 488 -19.51 3.27 48.49
CA TRP A 488 -20.46 3.49 47.40
C TRP A 488 -19.82 4.26 46.25
N ALA A 489 -18.91 5.17 46.58
CA ALA A 489 -18.18 5.93 45.57
C ALA A 489 -17.34 4.99 44.72
N ASN A 490 -16.71 4.03 45.38
CA ASN A 490 -15.94 3.00 44.69
C ASN A 490 -16.85 2.10 43.86
N ALA A 491 -18.04 1.83 44.39
CA ALA A 491 -19.01 0.99 43.69
C ALA A 491 -19.54 1.68 42.44
N LEU A 492 -19.87 2.96 42.57
CA LEU A 492 -20.31 3.76 41.42
C LEU A 492 -19.23 3.82 40.35
N GLY A 493 -17.98 3.91 40.78
CA GLY A 493 -16.86 3.94 39.86
C GLY A 493 -16.78 2.71 38.98
N TRP A 494 -16.99 1.55 39.58
CA TRP A 494 -17.01 0.30 38.83
C TRP A 494 -18.24 0.18 37.92
N CYS A 495 -19.31 0.88 38.27
CA CYS A 495 -20.49 0.92 37.42
C CYS A 495 -20.20 1.71 36.16
N ILE A 496 -19.60 2.89 36.33
CA ILE A 496 -19.18 3.72 35.21
C ILE A 496 -18.16 2.99 34.34
N ALA A 497 -17.20 2.34 34.99
CA ALA A 497 -16.19 1.54 34.30
C ALA A 497 -16.82 0.31 33.66
N GLY A 498 -17.90 -0.18 34.25
CA GLY A 498 -18.56 -1.39 33.78
C GLY A 498 -19.60 -1.12 32.72
N SER A 499 -20.20 0.06 32.74
CA SER A 499 -21.26 0.41 31.81
C SER A 499 -20.76 0.41 30.36
N SER A 500 -19.43 0.39 30.21
CA SER A 500 -18.80 0.37 28.89
C SER A 500 -18.59 -1.06 28.40
N VAL A 501 -17.92 -1.87 29.21
CA VAL A 501 -17.61 -3.24 28.87
C VAL A 501 -18.87 -4.09 28.70
N VAL A 502 -19.88 -3.80 29.50
CA VAL A 502 -21.13 -4.57 29.48
C VAL A 502 -21.79 -4.49 28.11
N MET A 503 -21.42 -3.48 27.33
CA MET A 503 -21.93 -3.33 25.97
C MET A 503 -21.41 -4.42 25.03
N ILE A 504 -20.31 -5.06 25.41
CA ILE A 504 -19.74 -6.12 24.57
C ILE A 504 -20.62 -7.37 24.55
N PRO A 505 -20.98 -7.92 25.73
CA PRO A 505 -21.85 -9.08 25.59
C PRO A 505 -23.30 -8.68 25.35
N ALA A 506 -23.72 -7.52 25.84
CA ALA A 506 -25.11 -7.08 25.73
C ALA A 506 -25.62 -7.11 24.30
N VAL A 507 -24.81 -6.58 23.38
CA VAL A 507 -25.19 -6.55 21.98
C VAL A 507 -24.88 -7.91 21.32
N ALA A 508 -23.90 -8.62 21.87
CA ALA A 508 -23.57 -9.95 21.38
C ALA A 508 -24.74 -10.87 21.64
N ILE A 509 -25.20 -10.91 22.89
CA ILE A 509 -26.37 -11.69 23.26
C ILE A 509 -27.60 -11.19 22.51
N PHE A 510 -27.65 -9.88 22.27
CA PHE A 510 -28.77 -9.27 21.57
C PHE A 510 -28.86 -9.69 20.10
N LYS A 511 -27.76 -9.50 19.38
CA LYS A 511 -27.74 -9.82 17.94
C LYS A 511 -27.74 -11.32 17.71
N LEU A 512 -27.35 -12.09 18.72
CA LEU A 512 -27.49 -13.54 18.68
C LEU A 512 -28.96 -13.92 18.68
N LEU A 513 -29.72 -13.35 19.62
CA LEU A 513 -31.14 -13.62 19.72
C LEU A 513 -31.95 -12.74 18.77
N SER A 514 -31.31 -12.31 17.69
CA SER A 514 -31.97 -11.63 16.59
C SER A 514 -31.73 -12.33 15.25
N THR A 515 -31.18 -13.53 15.28
CA THR A 515 -30.68 -14.19 14.07
C THR A 515 -31.41 -15.48 13.64
N PRO A 516 -31.78 -15.51 12.28
CA PRO A 516 -32.41 -16.78 11.90
C PRO A 516 -31.43 -17.96 11.81
N GLY A 517 -31.93 -19.17 11.99
CA GLY A 517 -31.12 -20.38 11.96
C GLY A 517 -30.80 -21.11 13.25
N SER A 518 -29.57 -21.65 13.28
CA SER A 518 -29.06 -22.43 14.41
C SER A 518 -27.91 -21.70 15.10
N LEU A 519 -27.46 -22.22 16.25
CA LEU A 519 -26.37 -21.58 17.01
C LEU A 519 -25.10 -21.49 16.20
N ARG A 520 -24.77 -22.58 15.52
CA ARG A 520 -23.66 -22.55 14.59
C ARG A 520 -24.00 -21.57 13.47
N GLN A 521 -25.30 -21.36 13.18
CA GLN A 521 -25.71 -20.49 12.08
C GLN A 521 -25.98 -19.02 12.39
N ARG A 522 -25.95 -18.69 13.69
CA ARG A 522 -25.77 -17.33 14.19
C ARG A 522 -24.35 -16.74 14.05
N PHE A 523 -23.33 -17.53 14.42
CA PHE A 523 -21.95 -17.05 14.43
C PHE A 523 -21.48 -16.74 13.02
N THR A 524 -21.85 -17.57 12.06
CA THR A 524 -21.43 -17.32 10.69
C THR A 524 -21.96 -15.99 10.13
N ILE A 525 -23.25 -15.70 10.36
CA ILE A 525 -23.84 -14.43 9.94
C ILE A 525 -23.24 -13.22 10.67
N LEU A 526 -23.05 -13.40 11.97
CA LEU A 526 -22.45 -12.43 12.87
C LEU A 526 -20.93 -12.48 12.87
N THR A 527 -20.35 -13.41 12.10
CA THR A 527 -18.91 -13.44 11.93
C THR A 527 -18.53 -12.87 10.57
N THR A 528 -19.38 -13.11 9.58
CA THR A 528 -19.14 -12.58 8.23
C THR A 528 -19.20 -11.06 8.22
N PRO A 529 -18.11 -10.43 7.75
CA PRO A 529 -18.00 -8.98 7.63
C PRO A 529 -19.01 -8.37 6.67
N TRP A 530 -19.07 -7.04 6.66
CA TRP A 530 -20.05 -6.31 5.85
C TRP A 530 -19.84 -6.51 4.36
N ARG A 531 -18.58 -6.62 3.94
CA ARG A 531 -18.25 -6.78 2.53
C ARG A 531 -18.67 -8.14 2.00
N ASP A 532 -19.88 -8.20 1.44
CA ASP A 532 -20.38 -9.43 0.83
C ASP A 532 -21.35 -9.12 -0.30
N GLU B 1 -8.03 5.38 -19.59
CA GLU B 1 -6.83 4.69 -19.13
C GLU B 1 -5.60 5.56 -19.29
N ASN B 2 -4.53 5.20 -18.58
CA ASN B 2 -3.26 5.89 -18.71
C ASN B 2 -2.36 5.16 -19.71
N VAL B 3 -2.37 5.62 -20.96
CA VAL B 3 -1.63 4.97 -22.02
C VAL B 3 -0.13 5.34 -21.99
N LEU B 4 0.72 4.31 -21.97
CA LEU B 4 2.16 4.51 -21.95
C LEU B 4 2.77 4.36 -23.35
N THR B 5 3.53 5.35 -23.77
CA THR B 5 4.15 5.33 -25.09
C THR B 5 5.67 5.18 -24.98
N GLN B 6 6.20 4.14 -25.62
CA GLN B 6 7.63 3.87 -25.58
C GLN B 6 8.31 4.22 -26.90
N SER B 7 9.50 4.80 -26.81
CA SER B 7 10.30 5.12 -27.99
C SER B 7 11.77 4.82 -27.75
N PRO B 8 12.46 4.28 -28.76
CA PRO B 8 11.88 3.94 -30.07
C PRO B 8 11.15 2.61 -30.05
N ALA B 9 10.40 2.33 -31.10
CA ALA B 9 9.75 1.03 -31.27
C ALA B 9 10.82 -0.03 -31.48
N ILE B 10 11.70 0.22 -32.45
CA ILE B 10 12.82 -0.67 -32.74
C ILE B 10 14.14 0.07 -32.59
N MET B 11 15.11 -0.56 -31.93
CA MET B 11 16.40 0.06 -31.71
C MET B 11 17.55 -0.83 -32.15
N SER B 12 18.33 -0.37 -33.11
CA SER B 12 19.51 -1.09 -33.55
C SER B 12 20.70 -0.72 -32.67
N THR B 13 21.37 -1.73 -32.14
CA THR B 13 22.46 -1.50 -31.19
C THR B 13 23.56 -2.54 -31.31
N SER B 14 24.80 -2.07 -31.39
CA SER B 14 25.95 -2.96 -31.31
C SER B 14 26.34 -3.10 -29.85
N PRO B 15 26.76 -4.31 -29.44
CA PRO B 15 27.21 -4.53 -28.06
C PRO B 15 28.36 -3.62 -27.66
N GLY B 16 28.26 -3.01 -26.48
CA GLY B 16 29.26 -2.08 -26.01
C GLY B 16 28.74 -0.66 -26.05
N GLU B 17 27.71 -0.44 -26.83
CA GLU B 17 27.09 0.88 -26.98
C GLU B 17 26.19 1.19 -25.78
N LYS B 18 26.13 2.46 -25.40
CA LYS B 18 25.21 2.91 -24.36
C LYS B 18 23.90 3.35 -24.98
N VAL B 19 22.79 2.80 -24.51
CA VAL B 19 21.48 3.13 -25.05
C VAL B 19 20.49 3.58 -23.99
N THR B 20 19.50 4.34 -24.41
CA THR B 20 18.45 4.82 -23.51
C THR B 20 17.10 4.81 -24.20
N MET B 21 16.21 3.93 -23.75
CA MET B 21 14.85 3.90 -24.25
C MET B 21 13.94 4.60 -23.26
N THR B 22 12.94 5.32 -23.77
CA THR B 22 12.09 6.13 -22.91
C THR B 22 10.65 5.61 -22.83
N CYS B 23 10.02 5.87 -21.69
CA CYS B 23 8.61 5.55 -21.48
C CYS B 23 7.85 6.79 -21.06
N ARG B 24 6.91 7.22 -21.88
CA ARG B 24 6.16 8.44 -21.62
C ARG B 24 4.68 8.15 -21.34
N ALA B 25 4.18 8.70 -20.23
CA ALA B 25 2.80 8.45 -19.81
C ALA B 25 1.89 9.63 -20.16
N SER B 26 0.60 9.35 -20.32
CA SER B 26 -0.37 10.40 -20.61
C SER B 26 -0.79 11.10 -19.31
N SER B 27 -0.62 10.40 -18.19
CA SER B 27 -0.93 10.95 -16.89
C SER B 27 0.20 10.67 -15.91
N SER B 28 0.29 11.48 -14.86
CA SER B 28 1.39 11.35 -13.89
C SER B 28 1.37 9.99 -13.19
N VAL B 29 2.57 9.41 -13.05
CA VAL B 29 2.72 8.11 -12.41
C VAL B 29 3.70 8.21 -11.24
N GLY B 30 3.35 7.60 -10.11
CA GLY B 30 4.23 7.56 -8.96
C GLY B 30 5.50 6.81 -9.29
N SER B 31 6.63 7.32 -8.80
CA SER B 31 7.93 6.73 -9.11
C SER B 31 8.04 5.28 -8.62
N SER B 32 7.27 4.95 -7.59
CA SER B 32 7.30 3.61 -7.02
C SER B 32 6.32 2.68 -7.72
N TYR B 33 5.67 3.17 -8.77
CA TYR B 33 4.62 2.42 -9.44
C TYR B 33 4.92 2.11 -10.90
N LEU B 34 6.04 2.59 -11.42
CA LEU B 34 6.42 2.26 -12.80
C LEU B 34 7.51 1.21 -12.82
N HIS B 35 7.31 0.19 -13.64
CA HIS B 35 8.24 -0.91 -13.69
C HIS B 35 8.64 -1.23 -15.12
N TRP B 36 9.65 -2.07 -15.26
CA TRP B 36 10.19 -2.44 -16.56
C TRP B 36 10.30 -3.94 -16.67
N TYR B 37 9.99 -4.46 -17.85
CA TYR B 37 10.08 -5.89 -18.10
C TYR B 37 10.91 -6.15 -19.33
N GLN B 38 11.67 -7.25 -19.30
CA GLN B 38 12.39 -7.71 -20.47
C GLN B 38 11.73 -8.97 -20.99
N GLN B 39 11.58 -9.07 -22.31
CA GLN B 39 11.02 -10.28 -22.89
C GLN B 39 11.86 -10.80 -24.05
N LYS B 40 12.54 -11.91 -23.83
CA LYS B 40 13.28 -12.60 -24.88
C LYS B 40 12.30 -13.22 -25.88
N SER B 41 12.80 -13.53 -27.07
CA SER B 41 11.96 -14.13 -28.09
C SER B 41 11.55 -15.55 -27.68
N GLY B 42 10.26 -15.82 -27.77
CA GLY B 42 9.73 -17.13 -27.44
C GLY B 42 9.76 -17.44 -25.95
N ALA B 43 9.76 -16.39 -25.13
CA ALA B 43 9.76 -16.56 -23.68
C ALA B 43 8.76 -15.62 -23.01
N SER B 44 8.50 -15.88 -21.73
CA SER B 44 7.59 -15.03 -20.96
C SER B 44 8.38 -13.89 -20.34
N PRO B 45 7.75 -12.70 -20.24
CA PRO B 45 8.40 -11.51 -19.68
C PRO B 45 8.96 -11.74 -18.29
N LYS B 46 10.03 -11.04 -17.96
CA LYS B 46 10.62 -11.09 -16.63
C LYS B 46 10.64 -9.69 -16.03
N LEU B 47 10.38 -9.59 -14.72
CA LEU B 47 10.50 -8.32 -14.02
C LEU B 47 11.96 -7.88 -14.06
N TRP B 48 12.20 -6.71 -14.65
CA TRP B 48 13.56 -6.24 -14.84
C TRP B 48 13.91 -5.13 -13.85
N ILE B 49 13.15 -4.04 -13.91
CA ILE B 49 13.38 -2.90 -13.05
C ILE B 49 12.08 -2.44 -12.40
N TYR B 50 11.98 -2.57 -11.09
CA TYR B 50 10.78 -2.13 -10.39
C TYR B 50 11.03 -0.78 -9.71
N SER B 51 9.99 0.06 -9.71
CA SER B 51 10.07 1.43 -9.18
C SER B 51 11.12 2.28 -9.90
N THR B 52 11.41 1.92 -11.15
CA THR B 52 12.27 2.71 -12.04
C THR B 52 13.70 2.93 -11.56
N SER B 53 14.08 2.33 -10.44
CA SER B 53 15.44 2.53 -9.94
C SER B 53 16.04 1.21 -9.48
N ASN B 54 15.17 0.33 -9.00
CA ASN B 54 15.62 -0.90 -8.37
C ASN B 54 15.63 -2.08 -9.33
N LEU B 55 16.82 -2.62 -9.56
CA LEU B 55 16.96 -3.79 -10.42
C LEU B 55 16.43 -5.02 -9.70
N ALA B 56 15.66 -5.84 -10.41
CA ALA B 56 15.22 -7.12 -9.88
C ALA B 56 16.43 -8.06 -9.80
N SER B 57 16.29 -9.16 -9.07
CA SER B 57 17.40 -10.07 -8.85
C SER B 57 17.78 -10.82 -10.12
N GLY B 58 19.08 -10.89 -10.39
CA GLY B 58 19.59 -11.50 -11.61
C GLY B 58 19.93 -10.47 -12.65
N VAL B 59 19.25 -9.33 -12.57
CA VAL B 59 19.47 -8.23 -13.51
C VAL B 59 20.83 -7.60 -13.30
N PRO B 60 21.69 -7.64 -14.35
CA PRO B 60 23.04 -7.07 -14.31
C PRO B 60 23.03 -5.58 -13.98
N ALA B 61 24.11 -5.10 -13.37
CA ALA B 61 24.20 -3.72 -12.89
C ALA B 61 24.22 -2.72 -14.04
N ARG B 62 24.51 -3.22 -15.24
CA ARG B 62 24.55 -2.38 -16.44
C ARG B 62 23.19 -1.73 -16.72
N PHE B 63 22.13 -2.30 -16.15
CA PHE B 63 20.78 -1.77 -16.33
C PHE B 63 20.43 -0.74 -15.27
N SER B 64 19.69 0.29 -15.67
CA SER B 64 19.23 1.31 -14.73
C SER B 64 18.00 2.02 -15.28
N GLY B 65 17.28 2.71 -14.40
CA GLY B 65 16.15 3.50 -14.81
C GLY B 65 16.13 4.85 -14.11
N SER B 66 15.44 5.81 -14.70
CA SER B 66 15.23 7.11 -14.07
C SER B 66 13.93 7.72 -14.58
N GLY B 67 13.43 8.72 -13.89
CA GLY B 67 12.25 9.43 -14.34
C GLY B 67 11.26 9.77 -13.24
N SER B 68 10.25 10.53 -13.61
CA SER B 68 9.20 10.93 -12.68
C SER B 68 8.02 11.48 -13.46
N GLY B 69 6.87 11.59 -12.81
CA GLY B 69 5.69 12.14 -13.46
C GLY B 69 5.27 11.37 -14.69
N THR B 70 5.51 11.96 -15.87
CA THR B 70 5.06 11.37 -17.12
C THR B 70 6.22 11.04 -18.06
N SER B 71 7.43 11.03 -17.53
CA SER B 71 8.60 10.73 -18.35
C SER B 71 9.60 9.85 -17.61
N TYR B 72 9.78 8.64 -18.12
CA TYR B 72 10.70 7.68 -17.55
C TYR B 72 11.60 7.10 -18.64
N SER B 73 12.59 6.32 -18.24
CA SER B 73 13.53 5.76 -19.21
C SER B 73 14.32 4.59 -18.63
N LEU B 74 14.65 3.62 -19.48
CA LEU B 74 15.54 2.53 -19.12
C LEU B 74 16.87 2.75 -19.82
N THR B 75 17.95 2.72 -19.05
CA THR B 75 19.27 2.99 -19.61
C THR B 75 20.22 1.83 -19.33
N ILE B 76 20.97 1.45 -20.36
CA ILE B 76 22.01 0.43 -20.23
C ILE B 76 23.38 1.06 -20.44
N SER B 77 24.26 0.88 -19.45
CA SER B 77 25.59 1.47 -19.52
C SER B 77 26.41 0.88 -20.66
N SER B 78 26.34 -0.44 -20.81
CA SER B 78 27.08 -1.14 -21.85
C SER B 78 26.30 -2.36 -22.34
N VAL B 79 25.68 -2.22 -23.50
CA VAL B 79 24.86 -3.30 -24.07
C VAL B 79 25.67 -4.56 -24.31
N GLU B 80 25.13 -5.70 -23.90
CA GLU B 80 25.70 -7.00 -24.24
C GLU B 80 24.81 -7.67 -25.28
N ALA B 81 25.32 -8.73 -25.91
CA ALA B 81 24.57 -9.41 -26.96
C ALA B 81 23.35 -10.11 -26.38
N GLU B 82 23.42 -10.47 -25.11
CA GLU B 82 22.33 -11.17 -24.44
C GLU B 82 21.21 -10.20 -24.03
N ASP B 83 21.31 -8.96 -24.47
CA ASP B 83 20.28 -7.96 -24.16
C ASP B 83 19.31 -7.81 -25.31
N ALA B 84 19.52 -8.59 -26.36
CA ALA B 84 18.62 -8.59 -27.52
C ALA B 84 17.24 -9.09 -27.10
N ALA B 85 16.35 -8.15 -26.80
CA ALA B 85 15.02 -8.49 -26.32
C ALA B 85 14.08 -7.30 -26.46
N THR B 86 12.83 -7.48 -26.02
CA THR B 86 11.88 -6.38 -26.03
C THR B 86 11.60 -5.93 -24.60
N TYR B 87 11.63 -4.62 -24.39
CA TYR B 87 11.51 -4.04 -23.06
C TYR B 87 10.21 -3.28 -22.90
N TYR B 88 9.41 -3.68 -21.91
CA TYR B 88 8.12 -3.07 -21.66
C TYR B 88 8.09 -2.30 -20.36
N CYS B 89 7.55 -1.09 -20.40
CA CYS B 89 7.31 -0.34 -19.17
C CYS B 89 5.85 -0.51 -18.77
N GLN B 90 5.61 -0.53 -17.46
CA GLN B 90 4.27 -0.73 -16.93
C GLN B 90 4.03 0.15 -15.72
N GLN B 91 2.83 0.72 -15.64
CA GLN B 91 2.43 1.48 -14.46
C GLN B 91 1.42 0.69 -13.64
N PHE B 92 1.62 0.68 -12.32
CA PHE B 92 0.66 0.08 -11.42
C PHE B 92 0.21 1.19 -10.47
N SER B 93 0.07 2.40 -11.01
CA SER B 93 -0.38 3.53 -10.21
C SER B 93 -1.89 3.51 -10.09
N GLY B 94 -2.56 3.42 -11.24
CA GLY B 94 -4.01 3.38 -11.26
C GLY B 94 -4.58 2.32 -12.18
N TYR B 95 -5.80 1.90 -11.89
CA TYR B 95 -6.51 0.95 -12.72
C TYR B 95 -7.28 1.66 -13.83
N PRO B 96 -7.26 1.10 -15.05
CA PRO B 96 -6.66 -0.19 -15.40
C PRO B 96 -5.14 -0.12 -15.57
N LEU B 97 -4.47 -1.20 -15.19
CA LEU B 97 -3.04 -1.35 -15.40
C LEU B 97 -2.70 -1.31 -16.88
N THR B 98 -1.69 -0.52 -17.24
CA THR B 98 -1.30 -0.42 -18.63
C THR B 98 0.19 -0.67 -18.84
N PHE B 99 0.52 -1.26 -19.98
CA PHE B 99 1.90 -1.49 -20.38
C PHE B 99 2.27 -0.52 -21.48
N GLY B 100 3.57 -0.41 -21.76
CA GLY B 100 4.04 0.46 -22.82
C GLY B 100 4.00 -0.25 -24.15
N SER B 101 4.12 0.50 -25.23
CA SER B 101 4.07 -0.07 -26.57
C SER B 101 5.24 -1.03 -26.80
N GLY B 102 6.33 -0.82 -26.06
CA GLY B 102 7.47 -1.71 -26.11
C GLY B 102 8.62 -1.17 -26.93
N THR B 103 9.84 -1.55 -26.53
CA THR B 103 11.05 -1.21 -27.26
C THR B 103 11.85 -2.47 -27.56
N LYS B 104 12.11 -2.72 -28.83
CA LYS B 104 12.81 -3.94 -29.24
C LYS B 104 14.29 -3.69 -29.52
N LEU B 105 15.15 -4.43 -28.81
CA LEU B 105 16.59 -4.34 -29.02
C LEU B 105 17.06 -5.31 -30.10
N GLU B 106 17.60 -4.76 -31.18
CA GLU B 106 18.18 -5.59 -32.23
C GLU B 106 19.66 -5.27 -32.39
N MET B 107 20.45 -6.29 -32.71
CA MET B 107 21.89 -6.12 -32.83
C MET B 107 22.29 -5.62 -34.22
N LYS B 108 23.43 -4.96 -34.29
CA LYS B 108 23.99 -4.51 -35.56
C LYS B 108 25.03 -5.50 -36.09
N ARG B 109 25.32 -5.40 -37.38
CA ARG B 109 26.37 -6.18 -38.01
C ARG B 109 26.72 -5.55 -39.35
N ALA B 110 27.82 -6.00 -39.94
CA ALA B 110 28.20 -5.52 -41.27
C ALA B 110 27.09 -5.86 -42.25
N ASP B 111 26.77 -4.92 -43.15
CA ASP B 111 25.72 -5.14 -44.13
C ASP B 111 25.99 -6.36 -44.98
N ALA B 112 24.97 -7.20 -45.13
CA ALA B 112 25.10 -8.43 -45.88
C ALA B 112 24.15 -8.43 -47.08
N ALA B 113 24.66 -8.87 -48.23
CA ALA B 113 23.83 -9.03 -49.40
C ALA B 113 23.09 -10.36 -49.30
N PRO B 114 21.85 -10.41 -49.79
CA PRO B 114 21.04 -11.63 -49.73
C PRO B 114 21.44 -12.67 -50.77
N THR B 115 21.71 -13.91 -50.33
CA THR B 115 21.82 -15.03 -51.25
C THR B 115 20.39 -15.38 -51.68
N VAL B 116 20.14 -15.41 -52.98
CA VAL B 116 18.77 -15.46 -53.46
C VAL B 116 18.45 -16.66 -54.34
N SER B 117 17.32 -17.29 -54.07
CA SER B 117 16.89 -18.48 -54.79
C SER B 117 15.48 -18.29 -55.33
N ILE B 118 15.24 -18.67 -56.59
CA ILE B 118 13.89 -18.66 -57.11
C ILE B 118 13.42 -20.09 -57.38
N PHE B 119 12.14 -20.33 -57.14
CA PHE B 119 11.56 -21.66 -57.30
C PHE B 119 10.27 -21.59 -58.11
N PRO B 120 10.15 -22.47 -59.11
CA PRO B 120 8.92 -22.55 -59.91
C PRO B 120 7.86 -23.36 -59.17
N PRO B 121 6.58 -23.16 -59.52
CA PRO B 121 5.50 -23.96 -58.95
C PRO B 121 5.77 -25.46 -59.11
N SER B 122 5.56 -26.22 -58.05
CA SER B 122 5.71 -27.67 -58.11
C SER B 122 4.66 -28.26 -59.05
N SER B 123 4.96 -29.42 -59.61
CA SER B 123 4.02 -30.11 -60.50
C SER B 123 2.77 -30.49 -59.73
N GLU B 124 2.94 -30.62 -58.42
CA GLU B 124 1.87 -31.05 -57.53
C GLU B 124 0.83 -29.98 -57.31
N GLN B 125 1.29 -28.73 -57.24
CA GLN B 125 0.38 -27.61 -57.10
C GLN B 125 -0.30 -27.32 -58.43
N LEU B 126 0.42 -27.58 -59.51
CA LEU B 126 -0.10 -27.34 -60.86
C LEU B 126 -1.30 -28.24 -61.15
N THR B 127 -1.31 -29.43 -60.55
CA THR B 127 -2.44 -30.34 -60.69
C THR B 127 -3.67 -29.78 -59.99
N SER B 128 -3.45 -29.14 -58.85
CA SER B 128 -4.52 -28.59 -58.02
C SER B 128 -5.20 -27.40 -58.68
N GLY B 129 -4.53 -26.81 -59.66
CA GLY B 129 -5.09 -25.68 -60.38
C GLY B 129 -4.53 -24.35 -59.90
N GLY B 130 -3.40 -24.42 -59.20
CA GLY B 130 -2.74 -23.23 -58.68
C GLY B 130 -1.26 -23.22 -59.02
N ALA B 131 -0.63 -22.06 -58.87
CA ALA B 131 0.79 -21.92 -59.18
C ALA B 131 1.43 -20.82 -58.33
N SER B 132 2.33 -21.23 -57.45
CA SER B 132 3.04 -20.29 -56.60
C SER B 132 4.53 -20.25 -56.90
N VAL B 133 4.99 -19.11 -57.44
CA VAL B 133 6.40 -18.88 -57.64
C VAL B 133 7.00 -18.31 -56.35
N VAL B 134 7.97 -19.01 -55.78
CA VAL B 134 8.55 -18.61 -54.50
C VAL B 134 9.98 -18.10 -54.64
N CYS B 135 10.26 -16.96 -54.01
CA CYS B 135 11.60 -16.37 -54.03
C CYS B 135 12.16 -16.24 -52.62
N PHE B 136 13.33 -16.84 -52.40
CA PHE B 136 13.99 -16.76 -51.10
C PHE B 136 15.15 -15.76 -51.11
N LEU B 137 15.27 -15.02 -50.02
CA LEU B 137 16.34 -14.05 -49.85
C LEU B 137 16.93 -14.23 -48.45
N ASN B 138 18.08 -14.87 -48.36
CA ASN B 138 18.58 -15.30 -47.06
C ASN B 138 19.85 -14.62 -46.58
N ASN B 139 19.95 -14.48 -45.26
CA ASN B 139 21.14 -13.98 -44.58
C ASN B 139 21.64 -12.63 -45.08
N PHE B 140 20.79 -11.62 -44.94
CA PHE B 140 21.15 -10.27 -45.33
C PHE B 140 20.97 -9.29 -44.16
N TYR B 141 21.46 -8.08 -44.34
CA TYR B 141 21.34 -7.03 -43.33
C TYR B 141 21.53 -5.67 -44.01
N PRO B 142 20.74 -4.66 -43.61
CA PRO B 142 19.71 -4.65 -42.57
C PRO B 142 18.41 -5.34 -43.01
N LYS B 143 17.42 -5.32 -42.12
CA LYS B 143 16.19 -6.08 -42.29
C LYS B 143 15.38 -5.69 -43.52
N ASP B 144 15.21 -4.38 -43.72
CA ASP B 144 14.36 -3.91 -44.81
C ASP B 144 14.93 -4.26 -46.19
N ILE B 145 14.08 -4.83 -47.03
CA ILE B 145 14.48 -5.22 -48.38
C ILE B 145 13.25 -5.12 -49.28
N ASN B 146 13.47 -4.97 -50.58
CA ASN B 146 12.36 -4.79 -51.50
C ASN B 146 12.43 -5.70 -52.72
N VAL B 147 11.51 -6.65 -52.80
CA VAL B 147 11.40 -7.49 -53.99
C VAL B 147 10.45 -6.91 -55.03
N LYS B 148 10.56 -7.43 -56.24
CA LYS B 148 9.67 -7.07 -57.33
C LYS B 148 9.56 -8.27 -58.25
N TRP B 149 8.34 -8.61 -58.64
CA TRP B 149 8.12 -9.74 -59.52
C TRP B 149 7.92 -9.29 -60.96
N LYS B 150 8.59 -9.99 -61.86
CA LYS B 150 8.44 -9.74 -63.29
C LYS B 150 7.98 -10.99 -64.03
N ILE B 151 6.97 -10.82 -64.88
CA ILE B 151 6.52 -11.88 -65.75
C ILE B 151 6.68 -11.43 -67.21
N ASP B 152 7.61 -12.06 -67.91
CA ASP B 152 7.99 -11.66 -69.27
C ASP B 152 8.43 -10.20 -69.31
N GLY B 153 9.37 -9.85 -68.43
CA GLY B 153 9.92 -8.51 -68.40
C GLY B 153 8.99 -7.46 -67.84
N SER B 154 7.72 -7.82 -67.64
CA SER B 154 6.72 -6.89 -67.14
C SER B 154 6.45 -7.07 -65.66
N GLU B 155 6.50 -5.98 -64.91
CA GLU B 155 6.31 -6.00 -63.47
C GLU B 155 4.91 -6.45 -63.07
N ARG B 156 4.83 -7.36 -62.11
CA ARG B 156 3.57 -7.76 -61.51
C ARG B 156 3.62 -7.52 -60.00
N GLN B 157 2.56 -6.93 -59.45
CA GLN B 157 2.61 -6.48 -58.05
C GLN B 157 1.45 -6.93 -57.17
N ASN B 158 0.80 -8.04 -57.51
CA ASN B 158 -0.27 -8.61 -56.67
C ASN B 158 -0.15 -10.13 -56.52
N GLY B 159 -0.87 -10.67 -55.53
CA GLY B 159 -0.83 -12.10 -55.28
C GLY B 159 0.50 -12.47 -54.68
N VAL B 160 1.00 -11.59 -53.83
CA VAL B 160 2.32 -11.72 -53.26
C VAL B 160 2.26 -11.79 -51.74
N LEU B 161 2.95 -12.77 -51.15
CA LEU B 161 3.03 -12.89 -49.70
C LEU B 161 4.47 -12.78 -49.24
N ASN B 162 4.84 -11.65 -48.66
CA ASN B 162 6.17 -11.43 -48.13
C ASN B 162 6.24 -11.81 -46.64
N SER B 163 7.36 -12.44 -46.25
CA SER B 163 7.53 -12.83 -44.86
C SER B 163 8.99 -12.74 -44.42
N TRP B 164 9.27 -11.84 -43.49
CA TRP B 164 10.59 -11.71 -42.88
C TRP B 164 10.74 -12.67 -41.70
N THR B 165 11.96 -13.10 -41.44
CA THR B 165 12.26 -13.81 -40.20
C THR B 165 12.75 -12.80 -39.18
N ASP B 166 12.72 -13.17 -37.90
CA ASP B 166 13.30 -12.30 -36.88
C ASP B 166 14.81 -12.45 -36.94
N GLN B 167 15.52 -11.51 -36.32
CA GLN B 167 16.97 -11.50 -36.38
C GLN B 167 17.56 -12.80 -35.83
N ASP B 168 18.44 -13.39 -36.63
CA ASP B 168 19.11 -14.64 -36.27
C ASP B 168 20.01 -14.43 -35.06
N SER B 169 20.12 -15.45 -34.21
CA SER B 169 20.75 -15.31 -32.91
C SER B 169 22.25 -15.03 -32.96
N LYS B 170 22.97 -15.69 -33.87
CA LYS B 170 24.43 -15.59 -33.88
C LYS B 170 25.00 -14.65 -34.97
N ASP B 171 24.69 -14.91 -36.24
CA ASP B 171 25.13 -14.02 -37.32
C ASP B 171 24.46 -12.64 -37.27
N SER B 172 23.24 -12.62 -36.77
CA SER B 172 22.42 -11.41 -36.62
C SER B 172 21.88 -10.87 -37.95
N THR B 173 21.72 -11.75 -38.94
CA THR B 173 21.11 -11.34 -40.22
C THR B 173 19.63 -11.64 -40.24
N TYR B 174 19.00 -11.35 -41.37
CA TYR B 174 17.58 -11.61 -41.55
C TYR B 174 17.34 -12.47 -42.78
N SER B 175 16.08 -12.80 -43.02
CA SER B 175 15.70 -13.56 -44.20
C SER B 175 14.29 -13.19 -44.61
N MET B 176 14.02 -13.18 -45.91
CA MET B 176 12.70 -12.83 -46.38
C MET B 176 12.26 -13.71 -47.53
N SER B 177 11.02 -14.18 -47.48
CA SER B 177 10.48 -15.00 -48.56
C SER B 177 9.31 -14.28 -49.22
N SER B 178 9.34 -14.22 -50.55
CA SER B 178 8.25 -13.65 -51.33
C SER B 178 7.59 -14.78 -52.11
N THR B 179 6.27 -14.75 -52.20
CA THR B 179 5.54 -15.82 -52.87
C THR B 179 4.49 -15.28 -53.84
N LEU B 180 4.86 -15.20 -55.11
CA LEU B 180 3.91 -14.83 -56.15
C LEU B 180 2.95 -15.98 -56.40
N THR B 181 1.65 -15.71 -56.24
CA THR B 181 0.65 -16.76 -56.40
C THR B 181 -0.29 -16.47 -57.56
N LEU B 182 -0.28 -17.35 -58.55
CA LEU B 182 -1.13 -17.25 -59.71
C LEU B 182 -2.08 -18.43 -59.78
N THR B 183 -2.97 -18.41 -60.75
CA THR B 183 -3.81 -19.57 -61.03
C THR B 183 -3.08 -20.48 -62.02
N LYS B 184 -3.69 -21.61 -62.35
CA LYS B 184 -3.09 -22.54 -63.31
C LYS B 184 -3.01 -21.91 -64.69
N ASP B 185 -4.08 -21.23 -65.10
CA ASP B 185 -4.15 -20.59 -66.40
C ASP B 185 -3.17 -19.44 -66.53
N GLU B 186 -3.06 -18.64 -65.47
CA GLU B 186 -2.22 -17.44 -65.47
C GLU B 186 -0.74 -17.80 -65.61
N TYR B 187 -0.34 -18.91 -65.03
CA TYR B 187 1.06 -19.31 -65.01
C TYR B 187 1.57 -19.81 -66.36
N GLU B 188 0.70 -20.48 -67.11
CA GLU B 188 1.10 -21.14 -68.34
C GLU B 188 0.96 -20.24 -69.57
N ARG B 189 0.22 -19.15 -69.43
CA ARG B 189 0.06 -18.20 -70.53
C ARG B 189 1.31 -17.35 -70.72
N HIS B 190 2.28 -17.50 -69.83
CA HIS B 190 3.55 -16.81 -69.92
C HIS B 190 4.70 -17.80 -69.76
N ASN B 191 5.93 -17.29 -69.83
CA ASN B 191 7.10 -18.16 -69.81
C ASN B 191 8.19 -17.70 -68.85
N SER B 192 8.62 -16.45 -68.99
CA SER B 192 9.72 -15.93 -68.19
C SER B 192 9.25 -15.39 -66.84
N TYR B 193 9.86 -15.88 -65.76
CA TYR B 193 9.53 -15.43 -64.41
C TYR B 193 10.76 -14.91 -63.68
N THR B 194 10.61 -13.74 -63.08
CA THR B 194 11.75 -13.03 -62.51
C THR B 194 11.43 -12.36 -61.19
N CYS B 195 12.31 -12.53 -60.20
CA CYS B 195 12.21 -11.74 -58.98
C CYS B 195 13.56 -11.09 -58.68
N GLU B 196 13.51 -9.78 -58.44
CA GLU B 196 14.71 -9.02 -58.11
C GLU B 196 14.60 -8.45 -56.70
N ALA B 197 15.75 -8.32 -56.04
CA ALA B 197 15.77 -7.74 -54.71
C ALA B 197 16.65 -6.50 -54.69
N THR B 198 16.02 -5.34 -54.50
CA THR B 198 16.77 -4.10 -54.29
C THR B 198 17.10 -3.99 -52.81
N HIS B 199 18.38 -3.98 -52.49
CA HIS B 199 18.85 -3.90 -51.12
C HIS B 199 20.01 -2.91 -51.07
N LYS B 200 20.26 -2.29 -49.92
CA LYS B 200 21.25 -1.22 -49.86
C LYS B 200 22.70 -1.70 -50.08
N THR B 201 22.93 -3.00 -50.01
CA THR B 201 24.28 -3.59 -50.12
C THR B 201 24.85 -3.56 -51.53
N SER B 202 23.99 -3.19 -52.47
CA SER B 202 24.30 -3.05 -53.89
C SER B 202 23.25 -2.08 -54.41
N THR B 203 23.51 -1.31 -55.46
CA THR B 203 22.46 -0.44 -56.01
C THR B 203 22.06 -0.97 -57.40
N SER B 204 22.70 -2.07 -57.80
CA SER B 204 22.17 -2.94 -58.86
C SER B 204 21.43 -4.09 -58.21
N PRO B 205 20.15 -4.25 -58.54
CA PRO B 205 19.31 -5.33 -58.01
C PRO B 205 19.79 -6.70 -58.45
N ILE B 206 20.06 -7.60 -57.50
CA ILE B 206 20.38 -8.97 -57.86
C ILE B 206 19.16 -9.58 -58.54
N VAL B 207 19.38 -10.43 -59.54
CA VAL B 207 18.26 -10.96 -60.31
C VAL B 207 18.31 -12.48 -60.40
N LYS B 208 17.17 -13.11 -60.11
CA LYS B 208 17.02 -14.55 -60.29
C LYS B 208 15.81 -14.82 -61.17
N SER B 209 15.99 -15.68 -62.17
CA SER B 209 14.92 -15.96 -63.12
C SER B 209 14.94 -17.41 -63.58
N PHE B 210 13.84 -17.82 -64.21
CA PHE B 210 13.76 -19.10 -64.89
C PHE B 210 12.74 -18.98 -66.02
N ASN B 211 12.77 -19.95 -66.93
CA ASN B 211 11.77 -20.04 -67.98
C ASN B 211 11.21 -21.46 -68.07
N ARG B 212 9.98 -21.58 -68.55
CA ARG B 212 9.28 -22.86 -68.59
C ARG B 212 9.74 -23.80 -69.71
N ASN B 213 11.00 -23.68 -70.15
CA ASN B 213 11.50 -24.49 -71.26
C ASN B 213 12.87 -25.14 -71.01
N GLU B 214 13.27 -25.20 -69.74
CA GLU B 214 14.51 -25.90 -69.39
C GLU B 214 14.40 -26.63 -68.06
N GLU C 20 12.03 -22.89 -7.91
CA GLU C 20 11.02 -23.25 -6.94
C GLU C 20 9.64 -22.73 -7.35
N VAL C 21 9.55 -21.43 -7.59
CA VAL C 21 8.30 -20.81 -8.02
C VAL C 21 7.98 -21.22 -9.46
N GLN C 22 6.77 -21.71 -9.67
CA GLN C 22 6.37 -22.21 -10.99
C GLN C 22 4.90 -21.89 -11.27
N LEU C 23 4.64 -21.35 -12.46
CA LEU C 23 3.29 -21.03 -12.90
C LEU C 23 3.03 -21.64 -14.28
N VAL C 24 1.98 -22.47 -14.37
CA VAL C 24 1.65 -23.11 -15.64
C VAL C 24 0.21 -22.84 -16.04
N GLU C 25 0.02 -22.24 -17.22
CA GLU C 25 -1.31 -21.96 -17.74
C GLU C 25 -1.83 -23.15 -18.55
N SER C 26 -3.12 -23.41 -18.41
CA SER C 26 -3.77 -24.48 -19.16
C SER C 26 -5.03 -23.94 -19.83
N GLY C 27 -5.70 -24.78 -20.60
CA GLY C 27 -6.84 -24.34 -21.37
C GLY C 27 -6.37 -23.61 -22.61
N GLY C 28 -7.22 -22.75 -23.16
CA GLY C 28 -6.86 -22.04 -24.37
C GLY C 28 -7.09 -22.88 -25.61
N GLY C 29 -7.01 -22.26 -26.77
CA GLY C 29 -7.26 -22.95 -28.02
C GLY C 29 -8.18 -22.18 -28.95
N LEU C 30 -8.70 -22.87 -29.96
CA LEU C 30 -9.53 -22.22 -30.97
C LEU C 30 -10.97 -22.07 -30.50
N VAL C 31 -11.51 -20.86 -30.63
CA VAL C 31 -12.86 -20.54 -30.17
C VAL C 31 -13.53 -19.58 -31.14
N LYS C 32 -14.76 -19.88 -31.54
CA LYS C 32 -15.51 -18.97 -32.41
C LYS C 32 -16.00 -17.76 -31.60
N PRO C 33 -16.17 -16.61 -32.28
CA PRO C 33 -16.70 -15.39 -31.64
C PRO C 33 -17.98 -15.64 -30.85
N GLY C 34 -18.07 -15.05 -29.67
CA GLY C 34 -19.20 -15.27 -28.78
C GLY C 34 -19.00 -16.50 -27.92
N GLY C 35 -17.96 -17.27 -28.23
CA GLY C 35 -17.66 -18.50 -27.52
C GLY C 35 -17.27 -18.27 -26.08
N SER C 36 -17.06 -19.37 -25.36
CA SER C 36 -16.74 -19.29 -23.94
C SER C 36 -15.72 -20.35 -23.52
N LEU C 37 -14.66 -19.90 -22.86
CA LEU C 37 -13.61 -20.80 -22.39
C LEU C 37 -13.10 -20.36 -21.01
N LYS C 38 -12.53 -21.30 -20.26
CA LYS C 38 -12.01 -21.03 -18.91
C LYS C 38 -10.51 -21.34 -18.82
N LEU C 39 -9.69 -20.29 -18.74
CA LEU C 39 -8.25 -20.48 -18.59
C LEU C 39 -7.91 -20.74 -17.13
N SER C 40 -6.81 -21.48 -16.90
CA SER C 40 -6.38 -21.78 -15.54
C SER C 40 -4.88 -21.58 -15.38
N CYS C 41 -4.42 -21.41 -14.15
CA CYS C 41 -2.99 -21.37 -13.87
C CYS C 41 -2.67 -22.07 -12.55
N ALA C 42 -1.88 -23.13 -12.63
CA ALA C 42 -1.46 -23.89 -11.46
C ALA C 42 -0.17 -23.31 -10.88
N ALA C 43 -0.25 -22.86 -9.63
CA ALA C 43 0.90 -22.27 -8.96
C ALA C 43 1.54 -23.23 -7.98
N SER C 44 2.86 -23.20 -7.89
CA SER C 44 3.60 -24.03 -6.96
C SER C 44 4.93 -23.38 -6.59
N GLY C 45 5.36 -23.56 -5.34
CA GLY C 45 6.62 -23.03 -4.89
C GLY C 45 6.49 -21.85 -3.95
N PHE C 46 5.24 -21.48 -3.64
CA PHE C 46 4.98 -20.35 -2.75
C PHE C 46 3.59 -20.41 -2.14
N THR C 47 3.38 -19.67 -1.06
CA THR C 47 2.07 -19.57 -0.44
C THR C 47 1.13 -18.77 -1.33
N PHE C 48 0.44 -19.48 -2.22
CA PHE C 48 -0.44 -18.90 -3.24
C PHE C 48 -1.53 -18.01 -2.66
N SER C 49 -2.02 -18.38 -1.49
CA SER C 49 -3.09 -17.63 -0.83
C SER C 49 -2.59 -16.31 -0.27
N SER C 50 -1.28 -16.11 -0.31
CA SER C 50 -0.66 -14.89 0.20
C SER C 50 -0.30 -13.87 -0.88
N TYR C 51 -0.68 -14.11 -2.13
CA TYR C 51 -0.32 -13.18 -3.20
C TYR C 51 -1.45 -12.88 -4.19
N ALA C 52 -1.54 -11.63 -4.66
CA ALA C 52 -2.52 -11.26 -5.67
C ALA C 52 -2.06 -11.66 -7.07
N MET C 53 -2.92 -12.35 -7.81
CA MET C 53 -2.61 -12.78 -9.17
C MET C 53 -3.27 -11.89 -10.22
N SER C 54 -2.68 -11.87 -11.40
CA SER C 54 -3.21 -11.07 -12.51
C SER C 54 -3.16 -11.87 -13.81
N TRP C 55 -4.07 -11.55 -14.72
CA TRP C 55 -4.01 -12.08 -16.06
C TRP C 55 -3.54 -10.98 -17.00
N VAL C 56 -2.47 -11.26 -17.73
CA VAL C 56 -1.97 -10.31 -18.72
C VAL C 56 -1.89 -11.02 -20.07
N ARG C 57 -2.48 -10.40 -21.10
CA ARG C 57 -2.49 -11.03 -22.41
C ARG C 57 -1.60 -10.28 -23.39
N GLN C 58 -1.05 -11.04 -24.33
CA GLN C 58 -0.14 -10.52 -25.33
C GLN C 58 -0.80 -10.56 -26.70
N SER C 59 -0.68 -9.46 -27.43
CA SER C 59 -1.28 -9.34 -28.75
C SER C 59 -0.54 -10.24 -29.72
N PRO C 60 -1.09 -10.40 -30.92
CA PRO C 60 -0.41 -11.13 -31.98
C PRO C 60 0.91 -10.41 -32.26
N GLU C 61 0.80 -9.11 -32.03
CA GLU C 61 1.78 -8.09 -32.32
C GLU C 61 2.77 -8.00 -31.19
N LYS C 62 2.68 -8.91 -30.24
CA LYS C 62 3.61 -8.91 -29.14
C LYS C 62 3.53 -7.64 -28.33
N ARG C 63 2.31 -7.18 -28.09
CA ARG C 63 2.05 -6.08 -27.16
C ARG C 63 1.38 -6.62 -25.90
N LEU C 64 1.79 -6.07 -24.76
CA LEU C 64 1.25 -6.48 -23.45
C LEU C 64 0.04 -5.65 -23.04
N GLU C 65 -1.00 -6.34 -22.56
CA GLU C 65 -2.21 -5.69 -22.09
C GLU C 65 -2.76 -6.40 -20.86
N TRP C 66 -2.91 -5.66 -19.78
CA TRP C 66 -3.41 -6.22 -18.52
C TRP C 66 -4.91 -6.50 -18.63
N VAL C 67 -5.32 -7.67 -18.13
CA VAL C 67 -6.71 -8.10 -18.25
C VAL C 67 -7.45 -7.92 -16.93
N ALA C 68 -6.96 -8.58 -15.88
CA ALA C 68 -7.67 -8.60 -14.61
C ALA C 68 -6.73 -8.88 -13.45
N GLU C 69 -7.08 -8.37 -12.27
CA GLU C 69 -6.34 -8.66 -11.05
C GLU C 69 -7.28 -9.19 -9.98
N ILE C 70 -6.82 -10.18 -9.24
CA ILE C 70 -7.58 -10.70 -8.11
C ILE C 70 -6.69 -10.74 -6.87
N SER C 71 -7.22 -10.27 -5.74
CA SER C 71 -6.42 -10.12 -4.53
C SER C 71 -6.06 -11.48 -3.93
N SER C 72 -5.42 -11.44 -2.77
CA SER C 72 -4.94 -12.66 -2.12
C SER C 72 -6.10 -13.49 -1.54
N GLY C 73 -7.25 -12.85 -1.34
CA GLY C 73 -8.41 -13.52 -0.80
C GLY C 73 -9.60 -13.42 -1.72
N GLY C 74 -9.40 -12.85 -2.90
CA GLY C 74 -10.44 -12.72 -3.90
C GLY C 74 -11.47 -11.65 -3.58
N ARG C 75 -11.23 -10.90 -2.52
CA ARG C 75 -12.18 -9.89 -2.08
C ARG C 75 -11.99 -8.57 -2.82
N TYR C 76 -10.97 -8.50 -3.68
CA TYR C 76 -10.71 -7.31 -4.48
C TYR C 76 -10.42 -7.68 -5.94
N ILE C 77 -11.28 -7.21 -6.84
CA ILE C 77 -11.23 -7.56 -8.25
C ILE C 77 -11.16 -6.31 -9.13
N TYR C 78 -10.30 -6.35 -10.14
CA TYR C 78 -10.22 -5.25 -11.11
C TYR C 78 -10.16 -5.79 -12.53
N TYR C 79 -10.91 -5.16 -13.43
CA TYR C 79 -10.91 -5.55 -14.84
C TYR C 79 -10.54 -4.38 -15.72
N SER C 80 -9.99 -4.67 -16.91
CA SER C 80 -9.74 -3.63 -17.89
C SER C 80 -11.03 -3.33 -18.63
N ASP C 81 -11.07 -2.18 -19.31
CA ASP C 81 -12.31 -1.71 -19.93
C ASP C 81 -12.78 -2.61 -21.06
N THR C 82 -11.82 -3.17 -21.80
CA THR C 82 -12.14 -4.10 -22.89
C THR C 82 -12.70 -5.41 -22.34
N VAL C 83 -12.23 -5.79 -21.17
CA VAL C 83 -12.52 -7.11 -20.61
C VAL C 83 -13.74 -7.12 -19.70
N THR C 84 -13.93 -6.03 -18.95
CA THR C 84 -14.98 -5.96 -17.93
C THR C 84 -16.36 -6.33 -18.46
N GLY C 85 -17.12 -7.06 -17.64
CA GLY C 85 -18.46 -7.47 -18.00
C GLY C 85 -18.52 -8.80 -18.73
N ARG C 86 -17.39 -9.26 -19.23
CA ARG C 86 -17.35 -10.50 -20.01
C ARG C 86 -16.46 -11.56 -19.37
N PHE C 87 -15.28 -11.16 -18.93
CA PHE C 87 -14.39 -12.11 -18.27
C PHE C 87 -14.62 -12.10 -16.76
N THR C 88 -14.22 -13.18 -16.10
CA THR C 88 -14.34 -13.28 -14.66
C THR C 88 -13.15 -14.02 -14.08
N ILE C 89 -12.40 -13.35 -13.21
CA ILE C 89 -11.20 -13.95 -12.64
C ILE C 89 -11.55 -14.61 -11.30
N SER C 90 -11.00 -15.80 -11.07
CA SER C 90 -11.38 -16.60 -9.92
C SER C 90 -10.15 -17.08 -9.16
N ARG C 91 -10.37 -17.68 -7.99
CA ARG C 91 -9.27 -18.22 -7.20
C ARG C 91 -9.63 -19.51 -6.47
N ASP C 92 -8.65 -20.40 -6.37
CA ASP C 92 -8.75 -21.60 -5.56
C ASP C 92 -7.49 -21.68 -4.70
N ASN C 93 -7.59 -21.18 -3.47
CA ASN C 93 -6.43 -21.18 -2.58
C ASN C 93 -6.19 -22.54 -1.93
N ALA C 94 -7.15 -23.44 -2.13
CA ALA C 94 -7.04 -24.79 -1.61
C ALA C 94 -6.16 -25.65 -2.52
N ARG C 95 -6.40 -25.57 -3.82
CA ARG C 95 -5.65 -26.36 -4.79
C ARG C 95 -4.60 -25.51 -5.52
N ASN C 96 -4.47 -24.25 -5.09
CA ASN C 96 -3.52 -23.30 -5.68
C ASN C 96 -3.74 -23.11 -7.18
N ILE C 97 -4.94 -22.68 -7.56
CA ILE C 97 -5.26 -22.49 -8.97
C ILE C 97 -5.86 -21.12 -9.25
N LEU C 98 -5.31 -20.43 -10.24
CA LEU C 98 -5.88 -19.17 -10.71
C LEU C 98 -6.74 -19.43 -11.94
N HIS C 99 -7.90 -18.78 -12.01
CA HIS C 99 -8.83 -19.02 -13.12
C HIS C 99 -9.22 -17.75 -13.85
N LEU C 100 -9.57 -17.90 -15.13
CA LEU C 100 -10.11 -16.79 -15.92
C LEU C 100 -11.18 -17.27 -16.90
N GLU C 101 -12.43 -17.11 -16.52
CA GLU C 101 -13.52 -17.50 -17.41
C GLU C 101 -13.82 -16.40 -18.41
N MET C 102 -13.97 -16.78 -19.67
CA MET C 102 -14.16 -15.81 -20.73
C MET C 102 -15.45 -16.15 -21.43
N SER C 103 -16.22 -15.11 -21.76
CA SER C 103 -17.49 -15.28 -22.43
C SER C 103 -17.65 -14.13 -23.39
N SER C 104 -18.56 -14.28 -24.35
CA SER C 104 -18.78 -13.27 -25.37
C SER C 104 -17.47 -12.90 -26.06
N LEU C 105 -16.68 -13.93 -26.35
CA LEU C 105 -15.32 -13.74 -26.89
C LEU C 105 -15.32 -13.06 -28.25
N ARG C 106 -14.41 -12.08 -28.38
CA ARG C 106 -14.24 -11.34 -29.62
C ARG C 106 -12.89 -11.69 -30.24
N SER C 107 -12.68 -11.28 -31.49
CA SER C 107 -11.46 -11.62 -32.23
C SER C 107 -10.25 -10.78 -31.78
N GLU C 108 -10.50 -9.87 -30.86
CA GLU C 108 -9.48 -8.99 -30.32
C GLU C 108 -8.91 -9.59 -29.04
N ASP C 109 -9.57 -10.65 -28.57
CA ASP C 109 -9.15 -11.35 -27.36
C ASP C 109 -8.11 -12.41 -27.66
N THR C 110 -7.76 -12.55 -28.95
CA THR C 110 -6.71 -13.48 -29.35
C THR C 110 -5.37 -13.01 -28.83
N ALA C 111 -4.75 -13.84 -28.00
CA ALA C 111 -3.51 -13.47 -27.34
C ALA C 111 -2.90 -14.66 -26.59
N MET C 112 -1.64 -14.50 -26.20
CA MET C 112 -1.02 -15.41 -25.26
C MET C 112 -1.37 -14.92 -23.86
N TYR C 113 -2.16 -15.69 -23.13
CA TYR C 113 -2.62 -15.25 -21.82
C TYR C 113 -1.65 -15.69 -20.73
N TYR C 114 -1.16 -14.72 -19.97
CA TYR C 114 -0.14 -15.00 -18.97
C TYR C 114 -0.69 -15.03 -17.55
N CYS C 115 -0.35 -16.09 -16.83
CA CYS C 115 -0.54 -16.12 -15.39
C CYS C 115 0.51 -15.23 -14.77
N ALA C 116 0.15 -14.16 -14.08
CA ALA C 116 1.18 -13.31 -13.49
C ALA C 116 0.90 -12.93 -12.07
N ARG C 117 1.91 -12.91 -11.20
CA ARG C 117 1.62 -12.57 -9.81
C ARG C 117 2.44 -11.40 -9.23
N GLY C 118 1.73 -10.37 -8.78
CA GLY C 118 2.33 -9.34 -7.96
C GLY C 118 1.44 -8.95 -6.78
N GLU C 119 1.90 -9.25 -5.56
CA GLU C 119 1.23 -8.77 -4.35
C GLU C 119 1.35 -7.27 -4.20
N VAL C 120 2.52 -6.76 -4.55
CA VAL C 120 2.98 -5.42 -4.27
C VAL C 120 2.92 -4.62 -5.54
N ARG C 121 2.04 -3.62 -5.54
CA ARG C 121 1.96 -2.65 -6.61
C ARG C 121 3.32 -2.05 -6.91
N GLN C 122 4.08 -1.79 -5.85
CA GLN C 122 5.40 -1.16 -5.93
C GLN C 122 6.48 -2.01 -6.59
N ARG C 123 6.23 -3.32 -6.73
CA ARG C 123 7.24 -4.22 -7.28
C ARG C 123 6.85 -4.81 -8.63
N GLY C 124 5.58 -4.67 -8.99
CA GLY C 124 5.10 -5.19 -10.25
C GLY C 124 5.00 -6.71 -10.25
N PHE C 125 4.98 -7.30 -11.44
CA PHE C 125 4.79 -8.73 -11.60
C PHE C 125 6.11 -9.50 -11.62
N ASP C 126 6.50 -10.03 -10.45
CA ASP C 126 7.81 -10.67 -10.32
C ASP C 126 7.87 -12.08 -10.90
N TYR C 127 6.72 -12.69 -11.17
CA TYR C 127 6.71 -14.02 -11.77
C TYR C 127 5.63 -14.19 -12.85
N TRP C 128 6.04 -14.74 -13.99
CA TRP C 128 5.14 -14.95 -15.12
C TRP C 128 5.09 -16.41 -15.52
N GLY C 129 3.91 -16.88 -15.91
CA GLY C 129 3.75 -18.25 -16.38
C GLY C 129 4.22 -18.41 -17.81
N GLN C 130 4.27 -19.64 -18.29
CA GLN C 130 4.69 -19.92 -19.66
C GLN C 130 3.65 -19.42 -20.66
N GLY C 131 2.43 -19.19 -20.19
CA GLY C 131 1.37 -18.67 -21.03
C GLY C 131 0.59 -19.76 -21.73
N THR C 132 -0.54 -19.36 -22.32
CA THR C 132 -1.35 -20.27 -23.12
C THR C 132 -2.06 -19.47 -24.22
N THR C 133 -2.13 -20.06 -25.40
CA THR C 133 -2.61 -19.32 -26.56
C THR C 133 -4.11 -19.53 -26.78
N LEU C 134 -4.83 -18.41 -26.90
CA LEU C 134 -6.24 -18.44 -27.23
C LEU C 134 -6.47 -17.78 -28.58
N THR C 135 -7.08 -18.52 -29.49
CA THR C 135 -7.40 -17.98 -30.81
C THR C 135 -8.92 -17.85 -30.98
N VAL C 136 -9.37 -16.64 -31.27
CA VAL C 136 -10.78 -16.39 -31.54
C VAL C 136 -10.98 -15.99 -32.99
N SER C 137 -11.48 -16.94 -33.78
CA SER C 137 -11.66 -16.70 -35.21
C SER C 137 -12.85 -17.48 -35.78
N SER C 138 -13.45 -16.94 -36.83
CA SER C 138 -14.52 -17.65 -37.53
C SER C 138 -13.94 -18.38 -38.75
N ALA C 139 -12.62 -18.32 -38.90
CA ALA C 139 -11.93 -18.99 -40.00
C ALA C 139 -12.00 -20.50 -39.82
N LYS C 140 -12.12 -21.21 -40.94
CA LYS C 140 -12.33 -22.65 -40.92
C LYS C 140 -11.00 -23.40 -40.86
N THR C 141 -10.93 -24.38 -39.95
CA THR C 141 -9.76 -25.23 -39.82
C THR C 141 -9.52 -26.05 -41.09
N THR C 142 -8.55 -25.63 -41.90
CA THR C 142 -8.20 -26.43 -43.08
C THR C 142 -6.83 -27.08 -42.91
N ALA C 143 -6.53 -28.04 -43.76
CA ALA C 143 -5.24 -28.73 -43.72
C ALA C 143 -4.28 -28.11 -44.74
N PRO C 144 -2.99 -28.11 -44.41
CA PRO C 144 -2.00 -27.51 -45.30
C PRO C 144 -1.71 -28.35 -46.54
N SER C 145 -1.52 -27.68 -47.66
CA SER C 145 -0.99 -28.33 -48.86
C SER C 145 0.52 -28.14 -48.87
N VAL C 146 1.26 -29.23 -48.68
CA VAL C 146 2.72 -29.16 -48.63
C VAL C 146 3.33 -29.39 -50.00
N TYR C 147 4.01 -28.38 -50.52
CA TYR C 147 4.61 -28.46 -51.83
C TYR C 147 6.13 -28.57 -51.74
N PRO C 148 6.69 -29.66 -52.29
CA PRO C 148 8.14 -29.88 -52.31
C PRO C 148 8.78 -28.94 -53.33
N LEU C 149 9.97 -28.44 -53.06
CA LEU C 149 10.60 -27.51 -53.99
C LEU C 149 11.99 -27.92 -54.45
N ALA C 150 12.11 -28.15 -55.75
CA ALA C 150 13.40 -28.36 -56.38
C ALA C 150 13.68 -27.17 -57.30
N PRO C 151 14.93 -26.68 -57.25
CA PRO C 151 15.33 -25.39 -57.84
C PRO C 151 15.65 -25.36 -59.33
N VAL C 152 14.68 -24.96 -60.14
CA VAL C 152 14.90 -24.40 -61.47
C VAL C 152 15.88 -25.14 -62.37
N CYS C 153 15.89 -26.47 -62.26
CA CYS C 153 16.68 -27.37 -63.13
C CYS C 153 18.12 -26.90 -63.36
N THR C 157 26.27 -25.77 -61.52
CA THR C 157 25.81 -25.74 -60.14
C THR C 157 26.81 -25.03 -59.23
N GLY C 158 26.32 -24.38 -58.20
CA GLY C 158 27.17 -23.68 -57.24
C GLY C 158 27.81 -24.62 -56.25
N SER C 159 28.53 -24.05 -55.29
CA SER C 159 29.20 -24.84 -54.26
C SER C 159 28.19 -25.38 -53.24
N SER C 160 27.06 -24.70 -53.11
CA SER C 160 25.98 -25.13 -52.24
C SER C 160 24.64 -25.07 -52.96
N VAL C 161 23.70 -25.89 -52.52
CA VAL C 161 22.37 -25.94 -53.11
C VAL C 161 21.33 -25.52 -52.06
N THR C 162 20.31 -24.80 -52.50
CA THR C 162 19.26 -24.34 -51.59
C THR C 162 17.90 -24.92 -51.97
N LEU C 163 17.32 -25.68 -51.05
CA LEU C 163 16.03 -26.33 -51.29
C LEU C 163 14.95 -25.68 -50.43
N GLY C 164 13.69 -25.90 -50.79
CA GLY C 164 12.59 -25.26 -50.10
C GLY C 164 11.37 -26.14 -49.84
N CYS C 165 10.43 -25.61 -49.08
CA CYS C 165 9.19 -26.32 -48.77
C CYS C 165 8.06 -25.34 -48.50
N LEU C 166 7.03 -25.36 -49.33
CA LEU C 166 5.91 -24.45 -49.18
C LEU C 166 4.71 -25.11 -48.48
N VAL C 167 4.34 -24.56 -47.32
CA VAL C 167 3.20 -25.04 -46.57
C VAL C 167 2.05 -24.06 -46.72
N LYS C 168 1.11 -24.39 -47.60
CA LYS C 168 0.11 -23.40 -48.03
C LYS C 168 -1.32 -23.74 -47.62
N GLY C 169 -2.08 -22.69 -47.29
CA GLY C 169 -3.52 -22.80 -47.09
C GLY C 169 -3.97 -23.63 -45.91
N TYR C 170 -3.52 -23.27 -44.72
CA TYR C 170 -3.91 -23.99 -43.51
C TYR C 170 -4.38 -23.05 -42.42
N PHE C 171 -5.04 -23.62 -41.41
CA PHE C 171 -5.55 -22.86 -40.28
C PHE C 171 -5.97 -23.84 -39.18
N PRO C 172 -5.68 -23.50 -37.92
CA PRO C 172 -4.91 -22.32 -37.51
C PRO C 172 -3.46 -22.64 -37.21
N GLU C 173 -2.78 -21.70 -36.58
CA GLU C 173 -1.42 -21.92 -36.10
C GLU C 173 -1.46 -22.89 -34.92
N PRO C 174 -0.35 -23.62 -34.68
CA PRO C 174 0.90 -23.58 -35.44
C PRO C 174 1.06 -24.75 -36.39
N VAL C 175 2.22 -24.80 -37.04
CA VAL C 175 2.61 -25.94 -37.83
C VAL C 175 4.05 -26.29 -37.43
N THR C 176 4.40 -27.56 -37.51
CA THR C 176 5.73 -28.00 -37.13
C THR C 176 6.50 -28.50 -38.34
N LEU C 177 7.49 -27.72 -38.77
CA LEU C 177 8.28 -28.08 -39.95
C LEU C 177 9.71 -28.42 -39.56
N THR C 178 10.16 -29.59 -39.99
CA THR C 178 11.56 -29.97 -39.83
C THR C 178 12.07 -30.60 -41.12
N TRP C 179 13.38 -30.66 -41.28
CA TRP C 179 14.00 -31.27 -42.46
C TRP C 179 14.68 -32.57 -42.10
N ASN C 180 14.40 -33.63 -42.85
CA ASN C 180 14.96 -34.95 -42.58
C ASN C 180 14.83 -35.33 -41.09
N SER C 181 13.61 -35.61 -40.63
CA SER C 181 13.33 -35.98 -39.23
C SER C 181 13.90 -34.99 -38.21
N GLY C 182 14.32 -33.81 -38.66
CA GLY C 182 14.93 -32.84 -37.78
C GLY C 182 16.37 -33.19 -37.51
N SER C 183 16.98 -33.92 -38.46
CA SER C 183 18.35 -34.37 -38.31
C SER C 183 19.32 -33.23 -38.55
N LEU C 184 18.96 -32.34 -39.47
CA LEU C 184 19.82 -31.19 -39.79
C LEU C 184 19.13 -29.90 -39.38
N SER C 185 19.86 -29.03 -38.68
CA SER C 185 19.30 -27.77 -38.21
C SER C 185 20.13 -26.59 -38.70
N SER C 186 21.16 -26.88 -39.50
CA SER C 186 22.04 -25.85 -40.03
C SER C 186 21.68 -25.46 -41.46
N GLY C 187 21.52 -24.17 -41.69
CA GLY C 187 21.23 -23.67 -43.02
C GLY C 187 19.74 -23.58 -43.31
N VAL C 188 18.93 -23.81 -42.29
CA VAL C 188 17.48 -23.81 -42.46
C VAL C 188 16.85 -22.51 -41.96
N HIS C 189 15.99 -21.92 -42.79
CA HIS C 189 15.23 -20.73 -42.40
C HIS C 189 13.73 -20.97 -42.61
N THR C 190 13.00 -21.21 -41.53
CA THR C 190 11.55 -21.34 -41.62
C THR C 190 10.89 -19.98 -41.37
N PHE C 191 10.10 -19.54 -42.34
CA PHE C 191 9.50 -18.21 -42.29
C PHE C 191 8.15 -18.23 -41.57
N PRO C 192 7.91 -17.25 -40.69
CA PRO C 192 6.67 -17.19 -39.92
C PRO C 192 5.44 -17.07 -40.81
N ALA C 193 4.34 -17.70 -40.39
CA ALA C 193 3.14 -17.78 -41.19
C ALA C 193 2.48 -16.41 -41.36
N VAL C 194 1.88 -16.19 -42.52
CA VAL C 194 1.16 -14.95 -42.78
C VAL C 194 -0.27 -15.25 -43.23
N LEU C 195 -1.24 -14.65 -42.56
CA LEU C 195 -2.64 -14.89 -42.85
C LEU C 195 -3.11 -14.10 -44.07
N GLN C 196 -3.64 -14.81 -45.05
CA GLN C 196 -4.24 -14.17 -46.23
C GLN C 196 -5.57 -14.84 -46.57
N SER C 197 -6.65 -14.05 -46.52
CA SER C 197 -8.01 -14.55 -46.75
C SER C 197 -8.34 -15.72 -45.83
N ASP C 198 -8.12 -15.51 -44.53
CA ASP C 198 -8.45 -16.48 -43.49
C ASP C 198 -7.73 -17.82 -43.66
N LEU C 199 -6.55 -17.79 -44.29
CA LEU C 199 -5.71 -18.98 -44.41
C LEU C 199 -4.23 -18.63 -44.29
N TYR C 200 -3.47 -19.51 -43.65
CA TYR C 200 -2.05 -19.29 -43.43
C TYR C 200 -1.19 -19.95 -44.50
N THR C 201 -0.15 -19.23 -44.93
CA THR C 201 0.84 -19.79 -45.82
C THR C 201 2.20 -19.63 -45.16
N LEU C 202 2.98 -20.72 -45.15
CA LEU C 202 4.29 -20.73 -44.51
C LEU C 202 5.30 -21.40 -45.43
N SER C 203 6.52 -20.88 -45.45
CA SER C 203 7.57 -21.46 -46.27
C SER C 203 8.84 -21.70 -45.46
N SER C 204 9.75 -22.49 -46.02
CA SER C 204 11.03 -22.75 -45.38
C SER C 204 12.08 -23.11 -46.41
N SER C 205 13.33 -22.75 -46.14
CA SER C 205 14.43 -23.10 -47.02
C SER C 205 15.49 -23.86 -46.25
N VAL C 206 16.18 -24.76 -46.93
CA VAL C 206 17.33 -25.42 -46.35
C VAL C 206 18.51 -25.33 -47.31
N THR C 207 19.70 -25.16 -46.77
CA THR C 207 20.90 -25.02 -47.61
C THR C 207 21.96 -26.05 -47.24
N VAL C 208 22.33 -26.85 -48.22
CA VAL C 208 23.32 -27.91 -48.03
C VAL C 208 24.41 -27.82 -49.09
N THR C 209 25.49 -28.57 -48.89
CA THR C 209 26.56 -28.64 -49.89
C THR C 209 26.02 -29.29 -51.16
N SER C 210 26.40 -28.76 -52.32
CA SER C 210 25.87 -29.22 -53.60
C SER C 210 26.15 -30.70 -53.85
N SER C 211 27.08 -31.26 -53.09
CA SER C 211 27.39 -32.69 -53.18
C SER C 211 26.32 -33.51 -52.45
N THR C 212 25.88 -33.00 -51.31
CA THR C 212 24.92 -33.70 -50.45
C THR C 212 23.59 -33.97 -51.16
N TRP C 213 23.22 -33.07 -52.06
CA TRP C 213 21.97 -33.20 -52.80
C TRP C 213 22.23 -33.15 -54.30
N PRO C 214 21.60 -34.05 -55.07
CA PRO C 214 20.62 -35.05 -54.61
C PRO C 214 21.21 -36.44 -54.35
N SER C 215 22.49 -36.52 -54.01
CA SER C 215 23.10 -37.81 -53.70
C SER C 215 22.42 -38.43 -52.48
N GLN C 216 22.06 -37.58 -51.53
CA GLN C 216 21.31 -38.01 -50.36
C GLN C 216 19.87 -37.50 -50.44
N SER C 217 19.03 -37.99 -49.53
CA SER C 217 17.63 -37.60 -49.51
C SER C 217 17.38 -36.45 -48.54
N ILE C 218 16.73 -35.40 -49.04
CA ILE C 218 16.30 -34.30 -48.20
C ILE C 218 14.77 -34.22 -48.20
N THR C 219 14.18 -34.51 -47.05
CA THR C 219 12.73 -34.59 -46.91
C THR C 219 12.18 -33.49 -46.02
N CYS C 220 11.00 -32.98 -46.38
CA CYS C 220 10.32 -31.93 -45.63
C CYS C 220 9.25 -32.53 -44.72
N ASN C 221 9.36 -32.29 -43.41
CA ASN C 221 8.45 -32.87 -42.44
C ASN C 221 7.48 -31.84 -41.86
N VAL C 222 6.27 -31.80 -42.42
CA VAL C 222 5.27 -30.81 -42.01
C VAL C 222 4.16 -31.45 -41.18
N ALA C 223 3.86 -30.84 -40.03
CA ALA C 223 2.89 -31.38 -39.09
C ALA C 223 1.86 -30.35 -38.66
N HIS C 224 0.60 -30.57 -39.01
CA HIS C 224 -0.48 -29.68 -38.58
C HIS C 224 -1.44 -30.43 -37.66
N PRO C 225 -1.23 -30.31 -36.33
CA PRO C 225 -2.01 -31.02 -35.32
C PRO C 225 -3.51 -30.71 -35.33
N ALA C 226 -3.90 -29.48 -35.67
CA ALA C 226 -5.30 -29.09 -35.66
C ALA C 226 -6.11 -29.83 -36.73
N SER C 227 -5.42 -30.31 -37.76
CA SER C 227 -6.07 -31.07 -38.82
C SER C 227 -5.57 -32.51 -38.80
N SER C 228 -4.77 -32.84 -37.79
CA SER C 228 -4.15 -34.15 -37.66
C SER C 228 -3.40 -34.54 -38.93
N THR C 229 -2.69 -33.56 -39.49
CA THR C 229 -1.97 -33.74 -40.75
C THR C 229 -0.48 -33.95 -40.53
N LYS C 230 0.03 -35.08 -41.03
CA LYS C 230 1.46 -35.36 -41.01
C LYS C 230 1.92 -35.70 -42.42
N VAL C 231 2.66 -34.79 -43.05
CA VAL C 231 3.11 -34.97 -44.42
C VAL C 231 4.62 -34.94 -44.53
N ASP C 232 5.18 -35.92 -45.23
CA ASP C 232 6.61 -35.95 -45.51
C ASP C 232 6.87 -35.92 -47.01
N LYS C 233 7.30 -34.76 -47.50
CA LYS C 233 7.62 -34.63 -48.92
C LYS C 233 9.13 -34.50 -49.11
N LYS C 234 9.68 -35.22 -50.08
CA LYS C 234 11.09 -35.10 -50.35
C LYS C 234 11.32 -34.57 -51.77
N ILE C 235 12.38 -33.79 -51.91
CA ILE C 235 12.64 -32.98 -53.09
C ILE C 235 13.33 -33.76 -54.21
N GLU C 236 12.68 -33.78 -55.38
CA GLU C 236 13.23 -34.46 -56.56
C GLU C 236 13.86 -33.48 -57.54
N PRO C 237 15.10 -33.75 -57.97
CA PRO C 237 15.90 -32.84 -58.80
C PRO C 237 15.17 -32.34 -60.05
N ARG C 238 14.42 -33.21 -60.71
CA ARG C 238 13.74 -32.87 -61.96
C ARG C 238 12.75 -31.72 -61.77
#